data_1I5W
# 
_entry.id   1I5W 
# 
_audit_conform.dict_name       mmcif_pdbx.dic 
_audit_conform.dict_version    5.389 
_audit_conform.dict_location   http://mmcif.pdb.org/dictionaries/ascii/mmcif_pdbx.dic 
# 
loop_
_database_2.database_id 
_database_2.database_code 
_database_2.pdbx_database_accession 
_database_2.pdbx_DOI 
PDB   1I5W         pdb_00001i5w 10.2210/pdb1i5w/pdb 
NDB   AD0020       ?            ?                   
RCSB  RCSB012943   ?            ?                   
WWPDB D_1000012943 ?            ?                   
# 
loop_
_pdbx_audit_revision_history.ordinal 
_pdbx_audit_revision_history.data_content_type 
_pdbx_audit_revision_history.major_revision 
_pdbx_audit_revision_history.minor_revision 
_pdbx_audit_revision_history.revision_date 
1 'Structure model' 1 0 2001-04-04 
2 'Structure model' 1 1 2008-04-27 
3 'Structure model' 1 2 2011-07-13 
4 'Structure model' 1 3 2024-02-07 
5 'Structure model' 1 4 2024-04-03 
# 
_pdbx_audit_revision_details.ordinal             1 
_pdbx_audit_revision_details.revision_ordinal    1 
_pdbx_audit_revision_details.data_content_type   'Structure model' 
_pdbx_audit_revision_details.provider            repository 
_pdbx_audit_revision_details.type                'Initial release' 
_pdbx_audit_revision_details.description         ? 
_pdbx_audit_revision_details.details             ? 
# 
loop_
_pdbx_audit_revision_group.ordinal 
_pdbx_audit_revision_group.revision_ordinal 
_pdbx_audit_revision_group.data_content_type 
_pdbx_audit_revision_group.group 
1 2 'Structure model' 'Version format compliance' 
2 3 'Structure model' 'Version format compliance' 
3 4 'Structure model' 'Data collection'           
4 4 'Structure model' 'Database references'       
5 4 'Structure model' 'Derived calculations'      
6 5 'Structure model' 'Refinement description'    
# 
loop_
_pdbx_audit_revision_category.ordinal 
_pdbx_audit_revision_category.revision_ordinal 
_pdbx_audit_revision_category.data_content_type 
_pdbx_audit_revision_category.category 
1 4 'Structure model' chem_comp_atom                
2 4 'Structure model' chem_comp_bond                
3 4 'Structure model' database_2                    
4 4 'Structure model' struct_conn                   
5 5 'Structure model' pdbx_initial_refinement_model 
# 
loop_
_pdbx_audit_revision_item.ordinal 
_pdbx_audit_revision_item.revision_ordinal 
_pdbx_audit_revision_item.data_content_type 
_pdbx_audit_revision_item.item 
1 4 'Structure model' '_database_2.pdbx_DOI'                
2 4 'Structure model' '_database_2.pdbx_database_accession' 
3 4 'Structure model' '_struct_conn.pdbx_leaving_atom_flag' 
# 
_pdbx_database_status.status_code                     REL 
_pdbx_database_status.entry_id                        1I5W 
_pdbx_database_status.recvd_initial_deposition_date   2001-03-01 
_pdbx_database_status.deposit_site                    RCSB 
_pdbx_database_status.process_site                    RCSB 
_pdbx_database_status.status_code_sf                  REL 
_pdbx_database_status.SG_entry                        . 
_pdbx_database_status.pdb_format_compatible           Y 
_pdbx_database_status.status_code_mr                  ? 
_pdbx_database_status.status_code_cs                  ? 
_pdbx_database_status.status_code_nmr_data            ? 
_pdbx_database_status.methods_development_category    ? 
# 
loop_
_audit_author.name 
_audit_author.pdbx_ordinal 
'Egli, M.'    1 
'Minasov, G.' 2 
'Teplova, M.' 3 
'Kumar, R.'   4 
'Wengel, J.'  5 
# 
_citation.id                        primary 
_citation.title                     
;X-ray crystal structure of a locked nucleic acid (LNA) duplex composed of a palindromic 10-mer DNA strand containing one LNA thymine monomer
;
_citation.journal_abbrev            J.Chem.Soc.,Chem.Commun. 
_citation.journal_volume            ? 
_citation.page_first                651 
_citation.page_last                 652 
_citation.year                      2001 
_citation.journal_id_ASTM           ? 
_citation.country                   UK 
_citation.journal_id_ISSN           1364-548X 
_citation.journal_id_CSD            ? 
_citation.book_publisher            ? 
_citation.pdbx_database_id_PubMed   -1 
_citation.pdbx_database_id_DOI      10.1039/b009447l 
# 
loop_
_citation_author.citation_id 
_citation_author.name 
_citation_author.ordinal 
_citation_author.identifier_ORCID 
primary 'Egli, M.'    1 ? 
primary 'Minasov, G.' 2 ? 
primary 'Teplova, M.' 3 ? 
primary 'Kumar, R.'   4 ? 
primary 'Wengel, J.'  5 ? 
# 
loop_
_entity.id 
_entity.type 
_entity.src_method 
_entity.pdbx_description 
_entity.formula_weight 
_entity.pdbx_number_of_molecules 
_entity.pdbx_ec 
_entity.pdbx_mutation 
_entity.pdbx_fragment 
_entity.details 
1 polymer syn "5'-D(*GP*CP*GP*TP*AP*(TLN)P*AP*CP*GP*C)-3'" 3073.016 2   ? ? ? ? 
2 water   nat water                                        18.015   115 ? ? ? ? 
# 
_entity_poly.entity_id                      1 
_entity_poly.type                           polydeoxyribonucleotide 
_entity_poly.nstd_linkage                   no 
_entity_poly.nstd_monomer                   yes 
_entity_poly.pdbx_seq_one_letter_code       '(DG)(DC)(DG)(DT)(DA)(TLN)(DA)(DC)(DG)(DC)' 
_entity_poly.pdbx_seq_one_letter_code_can   GCGTAUACGC 
_entity_poly.pdbx_strand_id                 A,B 
_entity_poly.pdbx_target_identifier         ? 
# 
_pdbx_entity_nonpoly.entity_id   2 
_pdbx_entity_nonpoly.name        water 
_pdbx_entity_nonpoly.comp_id     HOH 
# 
loop_
_entity_poly_seq.entity_id 
_entity_poly_seq.num 
_entity_poly_seq.mon_id 
_entity_poly_seq.hetero 
1 1  DG  n 
1 2  DC  n 
1 3  DG  n 
1 4  DT  n 
1 5  DA  n 
1 6  TLN n 
1 7  DA  n 
1 8  DC  n 
1 9  DG  n 
1 10 DC  n 
# 
loop_
_chem_comp.id 
_chem_comp.type 
_chem_comp.mon_nstd_flag 
_chem_comp.name 
_chem_comp.pdbx_synonyms 
_chem_comp.formula 
_chem_comp.formula_weight 
DA  'DNA linking' y "2'-DEOXYADENOSINE-5'-MONOPHOSPHATE"                                                                    ? 
'C10 H14 N5 O6 P' 331.222 
DC  'DNA linking' y "2'-DEOXYCYTIDINE-5'-MONOPHOSPHATE"                                                                     ? 
'C9 H14 N3 O7 P'  307.197 
DG  'DNA linking' y "2'-DEOXYGUANOSINE-5'-MONOPHOSPHATE"                                                                    ? 
'C10 H14 N5 O7 P' 347.221 
DT  'DNA linking' y "THYMIDINE-5'-MONOPHOSPHATE"                                                                            ? 
'C10 H15 N2 O8 P' 322.208 
HOH non-polymer   . WATER                                                                                                   ? 
'H2 O'            18.015  
TLN 'RNA linking' n '[(1R,3R,4R,7S)-7-HYDROXY-3-(THYMIN-1-YL)-2,5-DIOXABICYCLO[2.2.1]HEPT-1-YL]METHYL DIHYDROGEN PHOSPHATE' ? 
'C11 H15 N2 O9 P' 350.219 
# 
loop_
_pdbx_poly_seq_scheme.asym_id 
_pdbx_poly_seq_scheme.entity_id 
_pdbx_poly_seq_scheme.seq_id 
_pdbx_poly_seq_scheme.mon_id 
_pdbx_poly_seq_scheme.ndb_seq_num 
_pdbx_poly_seq_scheme.pdb_seq_num 
_pdbx_poly_seq_scheme.auth_seq_num 
_pdbx_poly_seq_scheme.pdb_mon_id 
_pdbx_poly_seq_scheme.auth_mon_id 
_pdbx_poly_seq_scheme.pdb_strand_id 
_pdbx_poly_seq_scheme.pdb_ins_code 
_pdbx_poly_seq_scheme.hetero 
A 1 1  DG  1  1  1  DG  G   A . n 
A 1 2  DC  2  2  2  DC  C   A . n 
A 1 3  DG  3  3  3  DG  G   A . n 
A 1 4  DT  4  4  4  DT  T   A . n 
A 1 5  DA  5  5  5  DA  A   A . n 
A 1 6  TLN 6  6  6  TLN TLN A . n 
A 1 7  DA  7  7  7  DA  A   A . n 
A 1 8  DC  8  8  8  DC  C   A . n 
A 1 9  DG  9  9  9  DG  G   A . n 
A 1 10 DC  10 10 10 DC  C   A . n 
B 1 1  DG  1  11 11 DG  G   B . n 
B 1 2  DC  2  12 12 DC  C   B . n 
B 1 3  DG  3  13 13 DG  G   B . n 
B 1 4  DT  4  14 14 DT  T   B . n 
B 1 5  DA  5  15 15 DA  A   B . n 
B 1 6  TLN 6  16 16 TLN TLN B . n 
B 1 7  DA  7  17 17 DA  A   B . n 
B 1 8  DC  8  18 18 DC  C   B . n 
B 1 9  DG  9  19 19 DG  G   B . n 
B 1 10 DC  10 20 20 DC  C   B . n 
# 
loop_
_pdbx_nonpoly_scheme.asym_id 
_pdbx_nonpoly_scheme.entity_id 
_pdbx_nonpoly_scheme.mon_id 
_pdbx_nonpoly_scheme.ndb_seq_num 
_pdbx_nonpoly_scheme.pdb_seq_num 
_pdbx_nonpoly_scheme.auth_seq_num 
_pdbx_nonpoly_scheme.pdb_mon_id 
_pdbx_nonpoly_scheme.auth_mon_id 
_pdbx_nonpoly_scheme.pdb_strand_id 
_pdbx_nonpoly_scheme.pdb_ins_code 
C 2 HOH 1  101 101 HOH HOH A . 
C 2 HOH 2  102 102 HOH HOH A . 
C 2 HOH 3  103 103 HOH HOH A . 
C 2 HOH 4  108 108 HOH HOH A . 
C 2 HOH 5  111 111 HOH HOH A . 
C 2 HOH 6  113 113 HOH HOH A . 
C 2 HOH 7  115 115 HOH HOH A . 
C 2 HOH 8  116 116 HOH HOH A . 
C 2 HOH 9  118 118 HOH HOH A . 
C 2 HOH 10 120 120 HOH HOH A . 
C 2 HOH 11 122 122 HOH HOH A . 
C 2 HOH 12 123 123 HOH HOH A . 
C 2 HOH 13 126 126 HOH HOH A . 
C 2 HOH 14 127 127 HOH HOH A . 
C 2 HOH 15 128 128 HOH HOH A . 
C 2 HOH 16 129 129 HOH HOH A . 
C 2 HOH 17 130 130 HOH HOH A . 
C 2 HOH 18 132 132 HOH HOH A . 
C 2 HOH 19 133 133 HOH HOH A . 
C 2 HOH 20 134 134 HOH HOH A . 
C 2 HOH 21 136 136 HOH HOH A . 
C 2 HOH 22 139 139 HOH HOH A . 
C 2 HOH 23 140 140 HOH HOH A . 
C 2 HOH 24 142 142 HOH HOH A . 
C 2 HOH 25 144 144 HOH HOH A . 
C 2 HOH 26 145 145 HOH HOH A . 
C 2 HOH 27 146 146 HOH HOH A . 
C 2 HOH 28 148 148 HOH HOH A . 
C 2 HOH 29 150 150 HOH HOH A . 
C 2 HOH 30 151 151 HOH HOH A . 
C 2 HOH 31 152 152 HOH HOH A . 
C 2 HOH 32 153 153 HOH HOH A . 
C 2 HOH 33 154 154 HOH HOH A . 
C 2 HOH 34 162 162 HOH HOH A . 
C 2 HOH 35 166 166 HOH HOH A . 
C 2 HOH 36 168 168 HOH HOH A . 
C 2 HOH 37 169 169 HOH HOH A . 
C 2 HOH 38 171 171 HOH HOH A . 
C 2 HOH 39 172 172 HOH HOH A . 
C 2 HOH 40 173 173 HOH HOH A . 
C 2 HOH 41 174 174 HOH HOH A . 
C 2 HOH 42 175 175 HOH HOH A . 
C 2 HOH 43 176 176 HOH HOH A . 
C 2 HOH 44 177 177 HOH HOH A . 
C 2 HOH 45 178 178 HOH HOH A . 
C 2 HOH 46 179 179 HOH HOH A . 
C 2 HOH 47 180 180 HOH HOH A . 
C 2 HOH 48 181 181 HOH HOH A . 
C 2 HOH 49 190 190 HOH HOH A . 
C 2 HOH 50 193 193 HOH HOH A . 
C 2 HOH 51 196 196 HOH HOH A . 
C 2 HOH 52 197 197 HOH HOH A . 
C 2 HOH 53 199 199 HOH HOH A . 
C 2 HOH 54 201 201 HOH HOH A . 
C 2 HOH 55 205 205 HOH HOH A . 
C 2 HOH 56 207 207 HOH HOH A . 
C 2 HOH 57 208 208 HOH HOH A . 
C 2 HOH 58 209 209 HOH HOH A . 
C 2 HOH 59 210 210 HOH HOH A . 
C 2 HOH 60 211 211 HOH HOH A . 
C 2 HOH 61 212 212 HOH HOH A . 
D 2 HOH 1  104 104 HOH HOH B . 
D 2 HOH 2  105 105 HOH HOH B . 
D 2 HOH 3  106 106 HOH HOH B . 
D 2 HOH 4  107 107 HOH HOH B . 
D 2 HOH 5  109 109 HOH HOH B . 
D 2 HOH 6  110 110 HOH HOH B . 
D 2 HOH 7  112 112 HOH HOH B . 
D 2 HOH 8  114 114 HOH HOH B . 
D 2 HOH 9  117 117 HOH HOH B . 
D 2 HOH 10 119 119 HOH HOH B . 
D 2 HOH 11 121 121 HOH HOH B . 
D 2 HOH 12 124 124 HOH HOH B . 
D 2 HOH 13 125 125 HOH HOH B . 
D 2 HOH 14 131 131 HOH HOH B . 
D 2 HOH 15 135 135 HOH HOH B . 
D 2 HOH 16 137 137 HOH HOH B . 
D 2 HOH 17 138 138 HOH HOH B . 
D 2 HOH 18 141 141 HOH HOH B . 
D 2 HOH 19 143 143 HOH HOH B . 
D 2 HOH 20 147 147 HOH HOH B . 
D 2 HOH 21 149 149 HOH HOH B . 
D 2 HOH 22 155 155 HOH HOH B . 
D 2 HOH 23 156 156 HOH HOH B . 
D 2 HOH 24 157 157 HOH HOH B . 
D 2 HOH 25 158 158 HOH HOH B . 
D 2 HOH 26 159 159 HOH HOH B . 
D 2 HOH 27 160 160 HOH HOH B . 
D 2 HOH 28 161 161 HOH HOH B . 
D 2 HOH 29 163 163 HOH HOH B . 
D 2 HOH 30 164 164 HOH HOH B . 
D 2 HOH 31 165 165 HOH HOH B . 
D 2 HOH 32 167 167 HOH HOH B . 
D 2 HOH 33 170 170 HOH HOH B . 
D 2 HOH 34 182 182 HOH HOH B . 
D 2 HOH 35 183 183 HOH HOH B . 
D 2 HOH 36 184 184 HOH HOH B . 
D 2 HOH 37 185 185 HOH HOH B . 
D 2 HOH 38 186 186 HOH HOH B . 
D 2 HOH 39 187 187 HOH HOH B . 
D 2 HOH 40 188 188 HOH HOH B . 
D 2 HOH 41 189 189 HOH HOH B . 
D 2 HOH 42 191 191 HOH HOH B . 
D 2 HOH 43 192 192 HOH HOH B . 
D 2 HOH 44 194 194 HOH HOH B . 
D 2 HOH 45 195 195 HOH HOH B . 
D 2 HOH 46 198 198 HOH HOH B . 
D 2 HOH 47 200 200 HOH HOH B . 
D 2 HOH 48 202 202 HOH HOH B . 
D 2 HOH 49 203 203 HOH HOH B . 
D 2 HOH 50 204 204 HOH HOH B . 
D 2 HOH 51 206 206 HOH HOH B . 
D 2 HOH 52 213 213 HOH HOH B . 
D 2 HOH 53 214 214 HOH HOH B . 
D 2 HOH 54 215 215 HOH HOH B . 
# 
loop_
_software.name 
_software.classification 
_software.version 
_software.citation_id 
_software.pdbx_ordinal 
DENZO     'data reduction' . ? 1 
SCALEPACK 'data scaling'   . ? 2 
AMoRE     phasing          . ? 3 
CNS       refinement       . ? 4 
# 
_cell.entry_id           1I5W 
_cell.length_a           26.140 
_cell.length_b           43.960 
_cell.length_c           45.800 
_cell.angle_alpha        90.00 
_cell.angle_beta         90.00 
_cell.angle_gamma        90.00 
_cell.Z_PDB              8 
_cell.pdbx_unique_axis   ? 
# 
_symmetry.entry_id                         1I5W 
_symmetry.space_group_name_H-M             'P 21 21 21' 
_symmetry.pdbx_full_space_group_name_H-M   ? 
_symmetry.cell_setting                     orthorhombic 
_symmetry.Int_Tables_number                19 
# 
_exptl.entry_id          1I5W 
_exptl.method            'X-RAY DIFFRACTION' 
_exptl.crystals_number   1 
# 
_exptl_crystal.id                    1 
_exptl_crystal.density_meas          ? 
_exptl_crystal.density_Matthews      2.06 
_exptl_crystal.density_percent_sol   40.15 
_exptl_crystal.description           ? 
# 
_exptl_crystal_grow.crystal_id      1 
_exptl_crystal_grow.method          'VAPOR DIFFUSION, HANGING DROP' 
_exptl_crystal_grow.temp            295.0 
_exptl_crystal_grow.temp_details    ? 
_exptl_crystal_grow.pH              6.0 
_exptl_crystal_grow.pdbx_details    
'MPD, Spermine, KCl, Sodium Cacodylate, pH 6.0. VAPOR DIFFUSION, HANGING DROP at 295 K, temperature 295.0K' 
_exptl_crystal_grow.pdbx_pH_range   ? 
# 
loop_
_exptl_crystal_grow_comp.crystal_id 
_exptl_crystal_grow_comp.id 
_exptl_crystal_grow_comp.sol_id 
_exptl_crystal_grow_comp.name 
_exptl_crystal_grow_comp.volume 
_exptl_crystal_grow_comp.conc 
_exptl_crystal_grow_comp.details 
1 1 1 KCl                 ? ? ? 
1 2 1 'Sodium Cacodylate' ? ? ? 
1 3 1 Spermine            ? ? ? 
1 4 1 MPD                 ? ? ? 
1 5 2 MPD                 ? ? ? 
# 
_diffrn.id                     1 
_diffrn.ambient_temp           105.0 
_diffrn.ambient_temp_details   ? 
_diffrn.crystal_id             1 
# 
_diffrn_detector.diffrn_id              1 
_diffrn_detector.detector               CCD 
_diffrn_detector.type                   MARRESEARCH 
_diffrn_detector.pdbx_collection_date   1999-03-31 
_diffrn_detector.details                ? 
# 
_diffrn_radiation.diffrn_id                        1 
_diffrn_radiation.wavelength_id                    1 
_diffrn_radiation.pdbx_monochromatic_or_laue_m_l   M 
_diffrn_radiation.monochromator                    graphite 
_diffrn_radiation.pdbx_diffrn_protocol             'SINGLE WAVELENGTH' 
_diffrn_radiation.pdbx_scattering_type             x-ray 
# 
_diffrn_radiation_wavelength.id           1 
_diffrn_radiation_wavelength.wavelength   0.93217 
_diffrn_radiation_wavelength.wt           1.0 
# 
_diffrn_source.diffrn_id                   1 
_diffrn_source.source                      SYNCHROTRON 
_diffrn_source.type                        'APS BEAMLINE 5ID-B' 
_diffrn_source.pdbx_synchrotron_site       APS 
_diffrn_source.pdbx_synchrotron_beamline   5ID-B 
_diffrn_source.pdbx_wavelength             ? 
_diffrn_source.pdbx_wavelength_list        0.93217 
# 
_reflns.entry_id                     1I5W 
_reflns.observed_criterion_sigma_I   -3.0 
_reflns.observed_criterion_sigma_F   0.0 
_reflns.d_resolution_low             20.0 
_reflns.d_resolution_high            1.4 
_reflns.number_obs                   10950 
_reflns.number_all                   10950 
_reflns.percent_possible_obs         99.7 
_reflns.pdbx_Rmerge_I_obs            0.049 
_reflns.pdbx_Rsym_value              ? 
_reflns.pdbx_netI_over_sigmaI        38.5 
_reflns.B_iso_Wilson_estimate        ? 
_reflns.pdbx_redundancy              8.6 
_reflns.R_free_details               ? 
_reflns.pdbx_diffrn_id               1 
_reflns.pdbx_ordinal                 1 
# 
_reflns_shell.d_res_high             1.40 
_reflns_shell.d_res_low              1.45 
_reflns_shell.percent_possible_all   96.7 
_reflns_shell.Rmerge_I_obs           0.26 
_reflns_shell.pdbx_Rsym_value        ? 
_reflns_shell.meanI_over_sigI_obs    6.8 
_reflns_shell.pdbx_redundancy        6.0 
_reflns_shell.percent_possible_obs   ? 
_reflns_shell.number_unique_all      1038 
_reflns_shell.pdbx_diffrn_id         ? 
_reflns_shell.pdbx_ordinal           1 
# 
_refine.entry_id                                 1I5W 
_refine.ls_number_reflns_obs                     10660 
_refine.ls_number_reflns_all                     10660 
_refine.pdbx_ls_sigma_I                          0.0 
_refine.pdbx_ls_sigma_F                          0.0 
_refine.pdbx_data_cutoff_high_absF               ? 
_refine.pdbx_data_cutoff_low_absF                ? 
_refine.ls_d_res_low                             17.0 
_refine.ls_d_res_high                            1.40 
_refine.ls_percent_reflns_obs                    97.5 
_refine.ls_R_factor_obs                          ? 
_refine.ls_R_factor_all                          ? 
_refine.ls_R_factor_R_work                       0.167 
_refine.ls_R_factor_R_free                       0.174 
_refine.ls_R_factor_R_free_error                 ? 
_refine.ls_R_factor_R_free_error_details         ? 
_refine.ls_percent_reflns_R_free                 9.7 
_refine.ls_number_reflns_R_free                  1036 
_refine.ls_number_parameters                     ? 
_refine.ls_number_restraints                     ? 
_refine.occupancy_min                            ? 
_refine.occupancy_max                            ? 
_refine.B_iso_mean                               21.5 
_refine.aniso_B[1][1]                            -1.542 
_refine.aniso_B[2][2]                            2.174 
_refine.aniso_B[3][3]                            -0.632 
_refine.aniso_B[1][2]                            0.000 
_refine.aniso_B[1][3]                            0.000 
_refine.aniso_B[2][3]                            0.000 
_refine.solvent_model_details                    ? 
_refine.solvent_model_param_ksol                 ? 
_refine.solvent_model_param_bsol                 ? 
_refine.pdbx_ls_cross_valid_method               THROUGHOUT 
_refine.details                                  'Maximum likelihood target using amplitudes' 
_refine.pdbx_starting_model                      'A-DNA decamer' 
_refine.pdbx_method_to_determine_struct          'MOLECULAR REPLACEMENT' 
_refine.pdbx_isotropic_thermal_model             Isotropic 
_refine.pdbx_stereochemistry_target_values       'Parkinson et al.' 
_refine.pdbx_stereochem_target_val_spec_case     ? 
_refine.pdbx_R_Free_selection_details            Random 
_refine.pdbx_overall_ESU_R_Free                  ? 
_refine.overall_SU_B                             ? 
_refine.ls_redundancy_reflns_obs                 ? 
_refine.correlation_coeff_Fo_to_Fc               ? 
_refine.correlation_coeff_Fo_to_Fc_free          ? 
_refine.overall_SU_R_Cruickshank_DPI             ? 
_refine.overall_SU_R_free                        ? 
_refine.overall_SU_ML                            ? 
_refine.pdbx_overall_ESU_R                       ? 
_refine.pdbx_data_cutoff_high_rms_absF           ? 
_refine.pdbx_refine_id                           'X-RAY DIFFRACTION' 
_refine.pdbx_diffrn_id                           1 
_refine.pdbx_TLS_residual_ADP_flag               ? 
_refine.pdbx_solvent_vdw_probe_radii             ? 
_refine.pdbx_solvent_ion_probe_radii             ? 
_refine.pdbx_solvent_shrinkage_radii             ? 
_refine.pdbx_overall_phase_error                 ? 
_refine.pdbx_overall_SU_R_free_Cruickshank_DPI   ? 
_refine.pdbx_overall_SU_R_Blow_DPI               ? 
_refine.pdbx_overall_SU_R_free_Blow_DPI          ? 
# 
_refine_analyze.entry_id                        1I5W 
_refine_analyze.Luzzati_coordinate_error_obs    0.14 
_refine_analyze.Luzzati_sigma_a_obs             0.12 
_refine_analyze.Luzzati_d_res_low_obs           5.0 
_refine_analyze.Luzzati_coordinate_error_free   0.16 
_refine_analyze.Luzzati_sigma_a_free            0.14 
_refine_analyze.Luzzati_d_res_low_free          ? 
_refine_analyze.number_disordered_residues      ? 
_refine_analyze.occupancy_sum_hydrogen          ? 
_refine_analyze.occupancy_sum_non_hydrogen      ? 
_refine_analyze.pdbx_refine_id                  'X-RAY DIFFRACTION' 
# 
_refine_hist.pdbx_refine_id                   'X-RAY DIFFRACTION' 
_refine_hist.cycle_id                         LAST 
_refine_hist.pdbx_number_atoms_protein        0 
_refine_hist.pdbx_number_atoms_nucleic_acid   416 
_refine_hist.pdbx_number_atoms_ligand         0 
_refine_hist.number_atoms_solvent             128 
_refine_hist.number_atoms_total               544 
_refine_hist.d_res_high                       1.40 
_refine_hist.d_res_low                        17.0 
# 
loop_
_refine_ls_restr.type 
_refine_ls_restr.dev_ideal 
_refine_ls_restr.dev_ideal_target 
_refine_ls_restr.weight 
_refine_ls_restr.number 
_refine_ls_restr.pdbx_refine_id 
_refine_ls_restr.pdbx_restraint_function 
c_bond_d           0.009 ? ? ? 'X-RAY DIFFRACTION' ? 
c_angle_deg        1.51  ? ? ? 'X-RAY DIFFRACTION' ? 
c_dihedral_angle_d 27.46 ? ? ? 'X-RAY DIFFRACTION' ? 
c_improper_angle_d 1.62  ? ? ? 'X-RAY DIFFRACTION' ? 
# 
loop_
_refine_ls_shell.pdbx_total_number_of_bins_used 
_refine_ls_shell.d_res_high 
_refine_ls_shell.d_res_low 
_refine_ls_shell.number_reflns_R_work 
_refine_ls_shell.R_factor_R_work 
_refine_ls_shell.percent_reflns_obs 
_refine_ls_shell.R_factor_R_free 
_refine_ls_shell.R_factor_R_free_error 
_refine_ls_shell.percent_reflns_R_free 
_refine_ls_shell.number_reflns_R_free 
_refine_ls_shell.redundancy_reflns_obs 
_refine_ls_shell.pdbx_refine_id 
_refine_ls_shell.number_reflns_all 
_refine_ls_shell.R_factor_all 
10 1.40 1.45  . 0.2589 0.941 0.2828 . . 79  . 'X-RAY DIFFRACTION' . . 
10 1.45 1.51  . 0.2201 0.954 0.2369 . . 106 . 'X-RAY DIFFRACTION' . . 
10 1.51 1.58  . 0.2036 0.965 0.2271 . . 105 . 'X-RAY DIFFRACTION' . . 
10 1.58 1.66  . 0.1653 0.975 0.1923 . . 106 . 'X-RAY DIFFRACTION' . . 
10 1.66 1.76  . 0.1627 0.984 0.2111 . . 107 . 'X-RAY DIFFRACTION' . . 
10 1.76 1.90  . 0.1595 0.983 0.1683 . . 90  . 'X-RAY DIFFRACTION' . . 
10 1.90 2.09  . 0.1728 0.991 0.2062 . . 111 . 'X-RAY DIFFRACTION' . . 
10 2.09 2.39  . 0.1709 0.995 0.1807 . . 108 . 'X-RAY DIFFRACTION' . . 
10 2.39 3.01  . 0.173  0.998 0.1827 . . 126 . 'X-RAY DIFFRACTION' . . 
10 3.01 17.00 . 0.1497 0.998 0.1307 . . 98  . 'X-RAY DIFFRACTION' . . 
# 
_struct.entry_id                  1I5W 
_struct.title                     'A-DNA DECAMER GCGTA(TLN)ACGC' 
_struct.pdbx_model_details        ? 
_struct.pdbx_CASP_flag            ? 
_struct.pdbx_model_type_details   ? 
# 
_struct_keywords.entry_id        1I5W 
_struct_keywords.pdbx_keywords   DNA 
_struct_keywords.text            'A-DNA decamer, locked ribonucleotide., DNA' 
# 
loop_
_struct_asym.id 
_struct_asym.pdbx_blank_PDB_chainid_flag 
_struct_asym.pdbx_modified 
_struct_asym.entity_id 
_struct_asym.details 
A N N 1 ? 
B N N 1 ? 
C N N 2 ? 
D N N 2 ? 
# 
_struct_ref.id                         1 
_struct_ref.entity_id                  1 
_struct_ref.db_name                    PDB 
_struct_ref.db_code                    1I5W 
_struct_ref.pdbx_db_accession          1I5W 
_struct_ref.pdbx_db_isoform            ? 
_struct_ref.pdbx_seq_one_letter_code   ? 
_struct_ref.pdbx_align_begin           ? 
# 
loop_
_struct_ref_seq.align_id 
_struct_ref_seq.ref_id 
_struct_ref_seq.pdbx_PDB_id_code 
_struct_ref_seq.pdbx_strand_id 
_struct_ref_seq.seq_align_beg 
_struct_ref_seq.pdbx_seq_align_beg_ins_code 
_struct_ref_seq.seq_align_end 
_struct_ref_seq.pdbx_seq_align_end_ins_code 
_struct_ref_seq.pdbx_db_accession 
_struct_ref_seq.db_align_beg 
_struct_ref_seq.pdbx_db_align_beg_ins_code 
_struct_ref_seq.db_align_end 
_struct_ref_seq.pdbx_db_align_end_ins_code 
_struct_ref_seq.pdbx_auth_seq_align_beg 
_struct_ref_seq.pdbx_auth_seq_align_end 
1 1 1I5W A 1 ? 10 ? 1I5W 1  ? 10 ? 1  10 
2 1 1I5W B 1 ? 10 ? 1I5W 11 ? 20 ? 11 20 
# 
_pdbx_struct_assembly.id                   1 
_pdbx_struct_assembly.details              author_defined_assembly 
_pdbx_struct_assembly.method_details       ? 
_pdbx_struct_assembly.oligomeric_details   dimeric 
_pdbx_struct_assembly.oligomeric_count     2 
# 
_pdbx_struct_assembly_gen.assembly_id       1 
_pdbx_struct_assembly_gen.oper_expression   1 
_pdbx_struct_assembly_gen.asym_id_list      A,B,C,D 
# 
_pdbx_struct_oper_list.id                   1 
_pdbx_struct_oper_list.type                 'identity operation' 
_pdbx_struct_oper_list.name                 1_555 
_pdbx_struct_oper_list.symmetry_operation   x,y,z 
_pdbx_struct_oper_list.matrix[1][1]         1.0000000000 
_pdbx_struct_oper_list.matrix[1][2]         0.0000000000 
_pdbx_struct_oper_list.matrix[1][3]         0.0000000000 
_pdbx_struct_oper_list.vector[1]            0.0000000000 
_pdbx_struct_oper_list.matrix[2][1]         0.0000000000 
_pdbx_struct_oper_list.matrix[2][2]         1.0000000000 
_pdbx_struct_oper_list.matrix[2][3]         0.0000000000 
_pdbx_struct_oper_list.vector[2]            0.0000000000 
_pdbx_struct_oper_list.matrix[3][1]         0.0000000000 
_pdbx_struct_oper_list.matrix[3][2]         0.0000000000 
_pdbx_struct_oper_list.matrix[3][3]         1.0000000000 
_pdbx_struct_oper_list.vector[3]            0.0000000000 
# 
_struct_biol.id                    1 
_struct_biol.details               'The biological assembly is a duplex generated by the two fold axis.' 
_struct_biol.pdbx_parent_biol_id   ? 
# 
loop_
_struct_conn.id 
_struct_conn.conn_type_id 
_struct_conn.pdbx_leaving_atom_flag 
_struct_conn.pdbx_PDB_id 
_struct_conn.ptnr1_label_asym_id 
_struct_conn.ptnr1_label_comp_id 
_struct_conn.ptnr1_label_seq_id 
_struct_conn.ptnr1_label_atom_id 
_struct_conn.pdbx_ptnr1_label_alt_id 
_struct_conn.pdbx_ptnr1_PDB_ins_code 
_struct_conn.pdbx_ptnr1_standard_comp_id 
_struct_conn.ptnr1_symmetry 
_struct_conn.ptnr2_label_asym_id 
_struct_conn.ptnr2_label_comp_id 
_struct_conn.ptnr2_label_seq_id 
_struct_conn.ptnr2_label_atom_id 
_struct_conn.pdbx_ptnr2_label_alt_id 
_struct_conn.pdbx_ptnr2_PDB_ins_code 
_struct_conn.ptnr1_auth_asym_id 
_struct_conn.ptnr1_auth_comp_id 
_struct_conn.ptnr1_auth_seq_id 
_struct_conn.ptnr2_auth_asym_id 
_struct_conn.ptnr2_auth_comp_id 
_struct_conn.ptnr2_auth_seq_id 
_struct_conn.ptnr2_symmetry 
_struct_conn.pdbx_ptnr3_label_atom_id 
_struct_conn.pdbx_ptnr3_label_seq_id 
_struct_conn.pdbx_ptnr3_label_comp_id 
_struct_conn.pdbx_ptnr3_label_asym_id 
_struct_conn.pdbx_ptnr3_label_alt_id 
_struct_conn.pdbx_ptnr3_PDB_ins_code 
_struct_conn.details 
_struct_conn.pdbx_dist_value 
_struct_conn.pdbx_value_order 
_struct_conn.pdbx_role 
covale1  covale both ? A DA  5  "O3'" ? ? ? 1_555 A TLN 6  P  ? ? A DA  5  A TLN 6  1_555 ? ? ? ? ? ? ?            1.603 ? ? 
covale2  covale both ? A TLN 6  "O3'" ? ? ? 1_555 A DA  7  P  ? ? A TLN 6  A DA  7  1_555 ? ? ? ? ? ? ?            1.607 ? ? 
covale3  covale both ? B DA  5  "O3'" ? ? ? 1_555 B TLN 6  P  ? ? B DA  15 B TLN 16 1_555 ? ? ? ? ? ? ?            1.606 ? ? 
covale4  covale both ? B TLN 6  "O3'" ? ? ? 1_555 B DA  7  P  ? ? B TLN 16 B DA  17 1_555 ? ? ? ? ? ? ?            1.605 ? ? 
hydrog1  hydrog ?    ? A DG  1  N1    ? ? ? 1_555 B DC  10 N3 ? ? A DG  1  B DC  20 1_555 ? ? ? ? ? ? WATSON-CRICK ?     ? ? 
hydrog2  hydrog ?    ? A DG  1  N2    ? ? ? 1_555 B DC  10 O2 ? ? A DG  1  B DC  20 1_555 ? ? ? ? ? ? WATSON-CRICK ?     ? ? 
hydrog3  hydrog ?    ? A DG  1  O6    ? ? ? 1_555 B DC  10 N4 ? ? A DG  1  B DC  20 1_555 ? ? ? ? ? ? WATSON-CRICK ?     ? ? 
hydrog4  hydrog ?    ? A DC  2  N3    ? ? ? 1_555 B DG  9  N1 ? ? A DC  2  B DG  19 1_555 ? ? ? ? ? ? WATSON-CRICK ?     ? ? 
hydrog5  hydrog ?    ? A DC  2  N4    ? ? ? 1_555 B DG  9  O6 ? ? A DC  2  B DG  19 1_555 ? ? ? ? ? ? WATSON-CRICK ?     ? ? 
hydrog6  hydrog ?    ? A DC  2  O2    ? ? ? 1_555 B DG  9  N2 ? ? A DC  2  B DG  19 1_555 ? ? ? ? ? ? WATSON-CRICK ?     ? ? 
hydrog7  hydrog ?    ? A DG  3  N1    ? ? ? 1_555 B DC  8  N3 ? ? A DG  3  B DC  18 1_555 ? ? ? ? ? ? WATSON-CRICK ?     ? ? 
hydrog8  hydrog ?    ? A DG  3  N2    ? ? ? 1_555 B DC  8  O2 ? ? A DG  3  B DC  18 1_555 ? ? ? ? ? ? WATSON-CRICK ?     ? ? 
hydrog9  hydrog ?    ? A DG  3  O6    ? ? ? 1_555 B DC  8  N4 ? ? A DG  3  B DC  18 1_555 ? ? ? ? ? ? WATSON-CRICK ?     ? ? 
hydrog10 hydrog ?    ? A DT  4  N3    ? ? ? 1_555 B DA  7  N1 ? ? A DT  4  B DA  17 1_555 ? ? ? ? ? ? WATSON-CRICK ?     ? ? 
hydrog11 hydrog ?    ? A DT  4  O4    ? ? ? 1_555 B DA  7  N6 ? ? A DT  4  B DA  17 1_555 ? ? ? ? ? ? WATSON-CRICK ?     ? ? 
hydrog12 hydrog ?    ? A DA  5  N1    ? ? ? 1_555 B TLN 6  N3 ? ? A DA  5  B TLN 16 1_555 ? ? ? ? ? ? WATSON-CRICK ?     ? ? 
hydrog13 hydrog ?    ? A DA  5  N6    ? ? ? 1_555 B TLN 6  O4 ? ? A DA  5  B TLN 16 1_555 ? ? ? ? ? ? WATSON-CRICK ?     ? ? 
hydrog14 hydrog ?    ? A TLN 6  N3    ? ? ? 1_555 B DA  5  N1 ? ? A TLN 6  B DA  15 1_555 ? ? ? ? ? ? WATSON-CRICK ?     ? ? 
hydrog15 hydrog ?    ? A TLN 6  O4    ? ? ? 1_555 B DA  5  N6 ? ? A TLN 6  B DA  15 1_555 ? ? ? ? ? ? WATSON-CRICK ?     ? ? 
hydrog16 hydrog ?    ? A DA  7  N1    ? ? ? 1_555 B DT  4  N3 ? ? A DA  7  B DT  14 1_555 ? ? ? ? ? ? WATSON-CRICK ?     ? ? 
hydrog17 hydrog ?    ? A DA  7  N6    ? ? ? 1_555 B DT  4  O4 ? ? A DA  7  B DT  14 1_555 ? ? ? ? ? ? WATSON-CRICK ?     ? ? 
hydrog18 hydrog ?    ? A DC  8  N3    ? ? ? 1_555 B DG  3  N1 ? ? A DC  8  B DG  13 1_555 ? ? ? ? ? ? WATSON-CRICK ?     ? ? 
hydrog19 hydrog ?    ? A DC  8  N4    ? ? ? 1_555 B DG  3  O6 ? ? A DC  8  B DG  13 1_555 ? ? ? ? ? ? WATSON-CRICK ?     ? ? 
hydrog20 hydrog ?    ? A DC  8  O2    ? ? ? 1_555 B DG  3  N2 ? ? A DC  8  B DG  13 1_555 ? ? ? ? ? ? WATSON-CRICK ?     ? ? 
hydrog21 hydrog ?    ? A DG  9  N1    ? ? ? 1_555 B DC  2  N3 ? ? A DG  9  B DC  12 1_555 ? ? ? ? ? ? WATSON-CRICK ?     ? ? 
hydrog22 hydrog ?    ? A DG  9  N2    ? ? ? 1_555 B DC  2  O2 ? ? A DG  9  B DC  12 1_555 ? ? ? ? ? ? WATSON-CRICK ?     ? ? 
hydrog23 hydrog ?    ? A DG  9  O6    ? ? ? 1_555 B DC  2  N4 ? ? A DG  9  B DC  12 1_555 ? ? ? ? ? ? WATSON-CRICK ?     ? ? 
hydrog24 hydrog ?    ? A DC  10 N3    ? ? ? 1_555 B DG  1  N1 ? ? A DC  10 B DG  11 1_555 ? ? ? ? ? ? WATSON-CRICK ?     ? ? 
hydrog25 hydrog ?    ? A DC  10 N4    ? ? ? 1_555 B DG  1  O6 ? ? A DC  10 B DG  11 1_555 ? ? ? ? ? ? WATSON-CRICK ?     ? ? 
hydrog26 hydrog ?    ? A DC  10 O2    ? ? ? 1_555 B DG  1  N2 ? ? A DC  10 B DG  11 1_555 ? ? ? ? ? ? WATSON-CRICK ?     ? ? 
# 
loop_
_struct_conn_type.id 
_struct_conn_type.criteria 
_struct_conn_type.reference 
covale ? ? 
hydrog ? ? 
# 
_pdbx_validate_planes.id              1 
_pdbx_validate_planes.PDB_model_num   1 
_pdbx_validate_planes.auth_comp_id    DG 
_pdbx_validate_planes.auth_asym_id    B 
_pdbx_validate_planes.auth_seq_id     19 
_pdbx_validate_planes.PDB_ins_code    ? 
_pdbx_validate_planes.label_alt_id    A 
_pdbx_validate_planes.rmsd            0.059 
_pdbx_validate_planes.type            'SIDE CHAIN' 
# 
loop_
_pdbx_struct_mod_residue.id 
_pdbx_struct_mod_residue.label_asym_id 
_pdbx_struct_mod_residue.label_comp_id 
_pdbx_struct_mod_residue.label_seq_id 
_pdbx_struct_mod_residue.auth_asym_id 
_pdbx_struct_mod_residue.auth_comp_id 
_pdbx_struct_mod_residue.auth_seq_id 
_pdbx_struct_mod_residue.PDB_ins_code 
_pdbx_struct_mod_residue.parent_comp_id 
_pdbx_struct_mod_residue.details 
1 A TLN 6 A TLN 6  ? DU ? 
2 B TLN 6 B TLN 16 ? DU ? 
# 
loop_
_chem_comp_atom.comp_id 
_chem_comp_atom.atom_id 
_chem_comp_atom.type_symbol 
_chem_comp_atom.pdbx_aromatic_flag 
_chem_comp_atom.pdbx_stereo_config 
_chem_comp_atom.pdbx_ordinal 
DA  OP3    O N N 1   
DA  P      P N N 2   
DA  OP1    O N N 3   
DA  OP2    O N N 4   
DA  "O5'"  O N N 5   
DA  "C5'"  C N N 6   
DA  "C4'"  C N R 7   
DA  "O4'"  O N N 8   
DA  "C3'"  C N S 9   
DA  "O3'"  O N N 10  
DA  "C2'"  C N N 11  
DA  "C1'"  C N R 12  
DA  N9     N Y N 13  
DA  C8     C Y N 14  
DA  N7     N Y N 15  
DA  C5     C Y N 16  
DA  C6     C Y N 17  
DA  N6     N N N 18  
DA  N1     N Y N 19  
DA  C2     C Y N 20  
DA  N3     N Y N 21  
DA  C4     C Y N 22  
DA  HOP3   H N N 23  
DA  HOP2   H N N 24  
DA  "H5'"  H N N 25  
DA  "H5''" H N N 26  
DA  "H4'"  H N N 27  
DA  "H3'"  H N N 28  
DA  "HO3'" H N N 29  
DA  "H2'"  H N N 30  
DA  "H2''" H N N 31  
DA  "H1'"  H N N 32  
DA  H8     H N N 33  
DA  H61    H N N 34  
DA  H62    H N N 35  
DA  H2     H N N 36  
DC  OP3    O N N 37  
DC  P      P N N 38  
DC  OP1    O N N 39  
DC  OP2    O N N 40  
DC  "O5'"  O N N 41  
DC  "C5'"  C N N 42  
DC  "C4'"  C N R 43  
DC  "O4'"  O N N 44  
DC  "C3'"  C N S 45  
DC  "O3'"  O N N 46  
DC  "C2'"  C N N 47  
DC  "C1'"  C N R 48  
DC  N1     N N N 49  
DC  C2     C N N 50  
DC  O2     O N N 51  
DC  N3     N N N 52  
DC  C4     C N N 53  
DC  N4     N N N 54  
DC  C5     C N N 55  
DC  C6     C N N 56  
DC  HOP3   H N N 57  
DC  HOP2   H N N 58  
DC  "H5'"  H N N 59  
DC  "H5''" H N N 60  
DC  "H4'"  H N N 61  
DC  "H3'"  H N N 62  
DC  "HO3'" H N N 63  
DC  "H2'"  H N N 64  
DC  "H2''" H N N 65  
DC  "H1'"  H N N 66  
DC  H41    H N N 67  
DC  H42    H N N 68  
DC  H5     H N N 69  
DC  H6     H N N 70  
DG  OP3    O N N 71  
DG  P      P N N 72  
DG  OP1    O N N 73  
DG  OP2    O N N 74  
DG  "O5'"  O N N 75  
DG  "C5'"  C N N 76  
DG  "C4'"  C N R 77  
DG  "O4'"  O N N 78  
DG  "C3'"  C N S 79  
DG  "O3'"  O N N 80  
DG  "C2'"  C N N 81  
DG  "C1'"  C N R 82  
DG  N9     N Y N 83  
DG  C8     C Y N 84  
DG  N7     N Y N 85  
DG  C5     C Y N 86  
DG  C6     C N N 87  
DG  O6     O N N 88  
DG  N1     N N N 89  
DG  C2     C N N 90  
DG  N2     N N N 91  
DG  N3     N N N 92  
DG  C4     C Y N 93  
DG  HOP3   H N N 94  
DG  HOP2   H N N 95  
DG  "H5'"  H N N 96  
DG  "H5''" H N N 97  
DG  "H4'"  H N N 98  
DG  "H3'"  H N N 99  
DG  "HO3'" H N N 100 
DG  "H2'"  H N N 101 
DG  "H2''" H N N 102 
DG  "H1'"  H N N 103 
DG  H8     H N N 104 
DG  H1     H N N 105 
DG  H21    H N N 106 
DG  H22    H N N 107 
DT  OP3    O N N 108 
DT  P      P N N 109 
DT  OP1    O N N 110 
DT  OP2    O N N 111 
DT  "O5'"  O N N 112 
DT  "C5'"  C N N 113 
DT  "C4'"  C N R 114 
DT  "O4'"  O N N 115 
DT  "C3'"  C N S 116 
DT  "O3'"  O N N 117 
DT  "C2'"  C N N 118 
DT  "C1'"  C N R 119 
DT  N1     N N N 120 
DT  C2     C N N 121 
DT  O2     O N N 122 
DT  N3     N N N 123 
DT  C4     C N N 124 
DT  O4     O N N 125 
DT  C5     C N N 126 
DT  C7     C N N 127 
DT  C6     C N N 128 
DT  HOP3   H N N 129 
DT  HOP2   H N N 130 
DT  "H5'"  H N N 131 
DT  "H5''" H N N 132 
DT  "H4'"  H N N 133 
DT  "H3'"  H N N 134 
DT  "HO3'" H N N 135 
DT  "H2'"  H N N 136 
DT  "H2''" H N N 137 
DT  "H1'"  H N N 138 
DT  H3     H N N 139 
DT  H71    H N N 140 
DT  H72    H N N 141 
DT  H73    H N N 142 
DT  H6     H N N 143 
HOH O      O N N 144 
HOH H1     H N N 145 
HOH H2     H N N 146 
TLN P      P N N 147 
TLN OP1    O N N 148 
TLN OP2    O N N 149 
TLN OP3    O N N 150 
TLN "O5'"  O N N 151 
TLN "C5'"  C N N 152 
TLN "C4'"  C N R 153 
TLN "O4'"  O N N 154 
TLN "C1'"  C N R 155 
TLN N1     N N N 156 
TLN C6     C N N 157 
TLN C5     C N N 158 
TLN C5M    C N N 159 
TLN C4     C N N 160 
TLN O4     O N N 161 
TLN N3     N N N 162 
TLN C2     C N N 163 
TLN O2     O N N 164 
TLN "C3'"  C N S 165 
TLN "C2'"  C N R 166 
TLN "O2'"  O N N 167 
TLN "O3'"  O N N 168 
TLN "C6'"  C N N 169 
TLN HOP2   H N N 170 
TLN HOP3   H N N 171 
TLN "H5'"  H N N 172 
TLN "H5''" H N N 173 
TLN "H1'"  H N N 174 
TLN H6     H N N 175 
TLN H71    H N N 176 
TLN H72    H N N 177 
TLN H73    H N N 178 
TLN H3     H N N 179 
TLN "H3'"  H N N 180 
TLN "H2'"  H N N 181 
TLN "HO3'" H N N 182 
TLN "H6'1" H N N 183 
TLN "H6'2" H N N 184 
# 
loop_
_chem_comp_bond.comp_id 
_chem_comp_bond.atom_id_1 
_chem_comp_bond.atom_id_2 
_chem_comp_bond.value_order 
_chem_comp_bond.pdbx_aromatic_flag 
_chem_comp_bond.pdbx_stereo_config 
_chem_comp_bond.pdbx_ordinal 
DA  OP3   P      sing N N 1   
DA  OP3   HOP3   sing N N 2   
DA  P     OP1    doub N N 3   
DA  P     OP2    sing N N 4   
DA  P     "O5'"  sing N N 5   
DA  OP2   HOP2   sing N N 6   
DA  "O5'" "C5'"  sing N N 7   
DA  "C5'" "C4'"  sing N N 8   
DA  "C5'" "H5'"  sing N N 9   
DA  "C5'" "H5''" sing N N 10  
DA  "C4'" "O4'"  sing N N 11  
DA  "C4'" "C3'"  sing N N 12  
DA  "C4'" "H4'"  sing N N 13  
DA  "O4'" "C1'"  sing N N 14  
DA  "C3'" "O3'"  sing N N 15  
DA  "C3'" "C2'"  sing N N 16  
DA  "C3'" "H3'"  sing N N 17  
DA  "O3'" "HO3'" sing N N 18  
DA  "C2'" "C1'"  sing N N 19  
DA  "C2'" "H2'"  sing N N 20  
DA  "C2'" "H2''" sing N N 21  
DA  "C1'" N9     sing N N 22  
DA  "C1'" "H1'"  sing N N 23  
DA  N9    C8     sing Y N 24  
DA  N9    C4     sing Y N 25  
DA  C8    N7     doub Y N 26  
DA  C8    H8     sing N N 27  
DA  N7    C5     sing Y N 28  
DA  C5    C6     sing Y N 29  
DA  C5    C4     doub Y N 30  
DA  C6    N6     sing N N 31  
DA  C6    N1     doub Y N 32  
DA  N6    H61    sing N N 33  
DA  N6    H62    sing N N 34  
DA  N1    C2     sing Y N 35  
DA  C2    N3     doub Y N 36  
DA  C2    H2     sing N N 37  
DA  N3    C4     sing Y N 38  
DC  OP3   P      sing N N 39  
DC  OP3   HOP3   sing N N 40  
DC  P     OP1    doub N N 41  
DC  P     OP2    sing N N 42  
DC  P     "O5'"  sing N N 43  
DC  OP2   HOP2   sing N N 44  
DC  "O5'" "C5'"  sing N N 45  
DC  "C5'" "C4'"  sing N N 46  
DC  "C5'" "H5'"  sing N N 47  
DC  "C5'" "H5''" sing N N 48  
DC  "C4'" "O4'"  sing N N 49  
DC  "C4'" "C3'"  sing N N 50  
DC  "C4'" "H4'"  sing N N 51  
DC  "O4'" "C1'"  sing N N 52  
DC  "C3'" "O3'"  sing N N 53  
DC  "C3'" "C2'"  sing N N 54  
DC  "C3'" "H3'"  sing N N 55  
DC  "O3'" "HO3'" sing N N 56  
DC  "C2'" "C1'"  sing N N 57  
DC  "C2'" "H2'"  sing N N 58  
DC  "C2'" "H2''" sing N N 59  
DC  "C1'" N1     sing N N 60  
DC  "C1'" "H1'"  sing N N 61  
DC  N1    C2     sing N N 62  
DC  N1    C6     sing N N 63  
DC  C2    O2     doub N N 64  
DC  C2    N3     sing N N 65  
DC  N3    C4     doub N N 66  
DC  C4    N4     sing N N 67  
DC  C4    C5     sing N N 68  
DC  N4    H41    sing N N 69  
DC  N4    H42    sing N N 70  
DC  C5    C6     doub N N 71  
DC  C5    H5     sing N N 72  
DC  C6    H6     sing N N 73  
DG  OP3   P      sing N N 74  
DG  OP3   HOP3   sing N N 75  
DG  P     OP1    doub N N 76  
DG  P     OP2    sing N N 77  
DG  P     "O5'"  sing N N 78  
DG  OP2   HOP2   sing N N 79  
DG  "O5'" "C5'"  sing N N 80  
DG  "C5'" "C4'"  sing N N 81  
DG  "C5'" "H5'"  sing N N 82  
DG  "C5'" "H5''" sing N N 83  
DG  "C4'" "O4'"  sing N N 84  
DG  "C4'" "C3'"  sing N N 85  
DG  "C4'" "H4'"  sing N N 86  
DG  "O4'" "C1'"  sing N N 87  
DG  "C3'" "O3'"  sing N N 88  
DG  "C3'" "C2'"  sing N N 89  
DG  "C3'" "H3'"  sing N N 90  
DG  "O3'" "HO3'" sing N N 91  
DG  "C2'" "C1'"  sing N N 92  
DG  "C2'" "H2'"  sing N N 93  
DG  "C2'" "H2''" sing N N 94  
DG  "C1'" N9     sing N N 95  
DG  "C1'" "H1'"  sing N N 96  
DG  N9    C8     sing Y N 97  
DG  N9    C4     sing Y N 98  
DG  C8    N7     doub Y N 99  
DG  C8    H8     sing N N 100 
DG  N7    C5     sing Y N 101 
DG  C5    C6     sing N N 102 
DG  C5    C4     doub Y N 103 
DG  C6    O6     doub N N 104 
DG  C6    N1     sing N N 105 
DG  N1    C2     sing N N 106 
DG  N1    H1     sing N N 107 
DG  C2    N2     sing N N 108 
DG  C2    N3     doub N N 109 
DG  N2    H21    sing N N 110 
DG  N2    H22    sing N N 111 
DG  N3    C4     sing N N 112 
DT  OP3   P      sing N N 113 
DT  OP3   HOP3   sing N N 114 
DT  P     OP1    doub N N 115 
DT  P     OP2    sing N N 116 
DT  P     "O5'"  sing N N 117 
DT  OP2   HOP2   sing N N 118 
DT  "O5'" "C5'"  sing N N 119 
DT  "C5'" "C4'"  sing N N 120 
DT  "C5'" "H5'"  sing N N 121 
DT  "C5'" "H5''" sing N N 122 
DT  "C4'" "O4'"  sing N N 123 
DT  "C4'" "C3'"  sing N N 124 
DT  "C4'" "H4'"  sing N N 125 
DT  "O4'" "C1'"  sing N N 126 
DT  "C3'" "O3'"  sing N N 127 
DT  "C3'" "C2'"  sing N N 128 
DT  "C3'" "H3'"  sing N N 129 
DT  "O3'" "HO3'" sing N N 130 
DT  "C2'" "C1'"  sing N N 131 
DT  "C2'" "H2'"  sing N N 132 
DT  "C2'" "H2''" sing N N 133 
DT  "C1'" N1     sing N N 134 
DT  "C1'" "H1'"  sing N N 135 
DT  N1    C2     sing N N 136 
DT  N1    C6     sing N N 137 
DT  C2    O2     doub N N 138 
DT  C2    N3     sing N N 139 
DT  N3    C4     sing N N 140 
DT  N3    H3     sing N N 141 
DT  C4    O4     doub N N 142 
DT  C4    C5     sing N N 143 
DT  C5    C7     sing N N 144 
DT  C5    C6     doub N N 145 
DT  C7    H71    sing N N 146 
DT  C7    H72    sing N N 147 
DT  C7    H73    sing N N 148 
DT  C6    H6     sing N N 149 
HOH O     H1     sing N N 150 
HOH O     H2     sing N N 151 
TLN P     OP1    doub N N 152 
TLN P     OP2    sing N N 153 
TLN P     OP3    sing N N 154 
TLN P     "O5'"  sing N N 155 
TLN OP2   HOP2   sing N N 156 
TLN OP3   HOP3   sing N N 157 
TLN "O5'" "C5'"  sing N N 158 
TLN "C5'" "C4'"  sing N N 159 
TLN "C5'" "H5'"  sing N N 160 
TLN "C5'" "H5''" sing N N 161 
TLN "C4'" "O4'"  sing N N 162 
TLN "C4'" "C3'"  sing N N 163 
TLN "C4'" "C6'"  sing N N 164 
TLN "O4'" "C1'"  sing N N 165 
TLN "C1'" N1     sing N N 166 
TLN "C1'" "C2'"  sing N N 167 
TLN "C1'" "H1'"  sing N N 168 
TLN N1    C6     sing N N 169 
TLN N1    C2     sing N N 170 
TLN C6    C5     doub N N 171 
TLN C6    H6     sing N N 172 
TLN C5    C5M    sing N N 173 
TLN C5    C4     sing N N 174 
TLN C5M   H71    sing N N 175 
TLN C5M   H72    sing N N 176 
TLN C5M   H73    sing N N 177 
TLN C4    O4     doub N N 178 
TLN C4    N3     sing N N 179 
TLN N3    C2     sing N N 180 
TLN N3    H3     sing N N 181 
TLN C2    O2     doub N N 182 
TLN "C3'" "C2'"  sing N N 183 
TLN "C3'" "O3'"  sing N N 184 
TLN "C3'" "H3'"  sing N N 185 
TLN "C2'" "O2'"  sing N N 186 
TLN "C2'" "H2'"  sing N N 187 
TLN "O2'" "C6'"  sing N N 188 
TLN "O3'" "HO3'" sing N N 189 
TLN "C6'" "H6'1" sing N N 190 
TLN "C6'" "H6'2" sing N N 191 
# 
_ndb_struct_conf_na.entry_id   1I5W 
_ndb_struct_conf_na.feature    'a-form double helix' 
# 
loop_
_ndb_struct_na_base_pair.model_number 
_ndb_struct_na_base_pair.i_label_asym_id 
_ndb_struct_na_base_pair.i_label_comp_id 
_ndb_struct_na_base_pair.i_label_seq_id 
_ndb_struct_na_base_pair.i_symmetry 
_ndb_struct_na_base_pair.j_label_asym_id 
_ndb_struct_na_base_pair.j_label_comp_id 
_ndb_struct_na_base_pair.j_label_seq_id 
_ndb_struct_na_base_pair.j_symmetry 
_ndb_struct_na_base_pair.shear 
_ndb_struct_na_base_pair.stretch 
_ndb_struct_na_base_pair.stagger 
_ndb_struct_na_base_pair.buckle 
_ndb_struct_na_base_pair.propeller 
_ndb_struct_na_base_pair.opening 
_ndb_struct_na_base_pair.pair_number 
_ndb_struct_na_base_pair.pair_name 
_ndb_struct_na_base_pair.i_auth_asym_id 
_ndb_struct_na_base_pair.i_auth_seq_id 
_ndb_struct_na_base_pair.i_PDB_ins_code 
_ndb_struct_na_base_pair.j_auth_asym_id 
_ndb_struct_na_base_pair.j_auth_seq_id 
_ndb_struct_na_base_pair.j_PDB_ins_code 
_ndb_struct_na_base_pair.hbond_type_28 
_ndb_struct_na_base_pair.hbond_type_12 
1 A DG  1  1_555 B DC  10 1_555 -0.366 -0.172 0.008  0.911  -10.063 -0.330 1  A_DG1:DC20_B  A 1  ? B 20 ? 19 1 
1 A DC  2  1_555 B DG  9  1_555 0.159  -0.055 -0.048 4.696  -9.365  1.546  2  A_DC2:DG19_B  A 2  ? B 19 ? 19 1 
1 A DG  3  1_555 B DC  8  1_555 -0.365 -0.091 0.037  -7.644 -14.134 2.119  3  A_DG3:DC18_B  A 3  ? B 18 ? 19 1 
1 A DT  4  1_555 B DA  7  1_555 -0.126 -0.117 -0.003 -5.180 -16.621 -0.281 4  A_DT4:DA17_B  A 4  ? B 17 ? 20 1 
1 A DA  5  1_555 B TLN 6  1_555 0.037  -0.072 0.318  -1.161 -8.876  -1.767 5  A_DA5:TLN16_B A 5  ? B 16 ? 20 1 
1 A TLN 6  1_555 B DA  5  1_555 -0.036 -0.142 0.203  7.977  -10.232 2.924  6  A_TLN6:DA15_B A 6  ? B 15 ? 20 1 
1 A DA  7  1_555 B DT  4  1_555 0.072  -0.169 -0.046 -1.476 -17.378 -0.800 7  A_DA7:DT14_B  A 7  ? B 14 ? 20 1 
1 A DC  8  1_555 B DG  3  1_555 0.287  -0.085 0.184  -1.891 -13.036 1.415  8  A_DC8:DG13_B  A 8  ? B 13 ? 19 1 
1 A DG  9  1_555 B DC  2  1_555 -0.073 -0.147 0.138  -3.717 -6.405  0.379  9  A_DG9:DC12_B  A 9  ? B 12 ? 19 1 
1 A DC  10 1_555 B DG  1  1_555 0.215  -0.147 0.074  1.662  1.290   -0.699 10 A_DC10:DG11_B A 10 ? B 11 ? 19 1 
# 
loop_
_ndb_struct_na_base_pair_step.model_number 
_ndb_struct_na_base_pair_step.i_label_asym_id_1 
_ndb_struct_na_base_pair_step.i_label_comp_id_1 
_ndb_struct_na_base_pair_step.i_label_seq_id_1 
_ndb_struct_na_base_pair_step.i_symmetry_1 
_ndb_struct_na_base_pair_step.j_label_asym_id_1 
_ndb_struct_na_base_pair_step.j_label_comp_id_1 
_ndb_struct_na_base_pair_step.j_label_seq_id_1 
_ndb_struct_na_base_pair_step.j_symmetry_1 
_ndb_struct_na_base_pair_step.i_label_asym_id_2 
_ndb_struct_na_base_pair_step.i_label_comp_id_2 
_ndb_struct_na_base_pair_step.i_label_seq_id_2 
_ndb_struct_na_base_pair_step.i_symmetry_2 
_ndb_struct_na_base_pair_step.j_label_asym_id_2 
_ndb_struct_na_base_pair_step.j_label_comp_id_2 
_ndb_struct_na_base_pair_step.j_label_seq_id_2 
_ndb_struct_na_base_pair_step.j_symmetry_2 
_ndb_struct_na_base_pair_step.shift 
_ndb_struct_na_base_pair_step.slide 
_ndb_struct_na_base_pair_step.rise 
_ndb_struct_na_base_pair_step.tilt 
_ndb_struct_na_base_pair_step.roll 
_ndb_struct_na_base_pair_step.twist 
_ndb_struct_na_base_pair_step.x_displacement 
_ndb_struct_na_base_pair_step.y_displacement 
_ndb_struct_na_base_pair_step.helical_rise 
_ndb_struct_na_base_pair_step.inclination 
_ndb_struct_na_base_pair_step.tip 
_ndb_struct_na_base_pair_step.helical_twist 
_ndb_struct_na_base_pair_step.step_number 
_ndb_struct_na_base_pair_step.step_name 
_ndb_struct_na_base_pair_step.i_auth_asym_id_1 
_ndb_struct_na_base_pair_step.i_auth_seq_id_1 
_ndb_struct_na_base_pair_step.i_PDB_ins_code_1 
_ndb_struct_na_base_pair_step.j_auth_asym_id_1 
_ndb_struct_na_base_pair_step.j_auth_seq_id_1 
_ndb_struct_na_base_pair_step.j_PDB_ins_code_1 
_ndb_struct_na_base_pair_step.i_auth_asym_id_2 
_ndb_struct_na_base_pair_step.i_auth_seq_id_2 
_ndb_struct_na_base_pair_step.i_PDB_ins_code_2 
_ndb_struct_na_base_pair_step.j_auth_asym_id_2 
_ndb_struct_na_base_pair_step.j_auth_seq_id_2 
_ndb_struct_na_base_pair_step.j_PDB_ins_code_2 
1 A DG  1 1_555 B DC  10 1_555 A DC  2  1_555 B DG  9 1_555 0.667  -1.353 3.201 1.028  0.963  36.827 -2.268 -0.920 3.183 1.524  
-1.627 36.853 1 AA_DG1DC2:DG19DC20_BB   A 1 ? B 20 ? A 2  ? B 19 ? 
1 A DC  2 1_555 B DG  9  1_555 A DG  3  1_555 B DC  8 1_555 -0.002 -2.071 3.607 -0.677 5.689  26.956 -5.795 -0.168 3.111 12.032 
1.432  27.547 2 AA_DC2DG3:DC18DG19_BB   A 2 ? B 19 ? A 3  ? B 18 ? 
1 A DG  3 1_555 B DC  8  1_555 A DT  4  1_555 B DA  7 1_555 -1.076 -1.489 3.167 -1.705 4.501  35.286 -3.057 1.524  3.008 7.383  
2.797  35.603 3 AA_DG3DT4:DA17DC18_BB   A 3 ? B 18 ? A 4  ? B 17 ? 
1 A DT  4 1_555 B DA  7  1_555 A DA  5  1_555 B TLN 6 1_555 0.874  -1.506 3.077 1.361  17.756 24.415 -5.815 -1.456 1.667 36.429 
-2.793 30.140 4 AA_DT4DA5:TLN16DA17_BB  A 4 ? B 17 ? A 5  ? B 16 ? 
1 A DA  5 1_555 B TLN 6  1_555 A TLN 6  1_555 B DA  5 1_555 0.291  -1.413 3.196 0.930  5.956  28.780 -3.980 -0.386 2.860 11.820 
-1.846 29.392 5 AA_DA5TLN6:DA15TLN16_BB A 5 ? B 16 ? A 6  ? B 15 ? 
1 A TLN 6 1_555 B DA  5  1_555 A DA  7  1_555 B DT  4 1_555 -0.085 -1.508 3.280 0.927  14.327 32.328 -4.421 0.265  2.414 24.292 
-1.572 35.295 6 AA_TLN6DA7:DT14DA15_BB  A 6 ? B 15 ? A 7  ? B 14 ? 
1 A DA  7 1_555 B DT  4  1_555 A DC  8  1_555 B DG  3 1_555 0.919  -2.036 3.246 1.271  0.734  34.002 -3.595 -1.369 3.234 1.254  
-2.172 34.032 7 AA_DA7DC8:DG13DT14_BB   A 7 ? B 14 ? A 8  ? B 13 ? 
1 A DC  8 1_555 B DG  3  1_555 A DG  9  1_555 B DC  2 1_555 -0.336 -2.193 3.190 1.023  6.912  23.062 -7.201 1.094  2.422 16.801 
-2.485 24.084 8 AA_DC8DG9:DC12DG13_BB   A 8 ? B 13 ? A 9  ? B 12 ? 
1 A DG  9 1_555 B DC  2  1_555 A DC  10 1_555 B DG  1 1_555 -0.140 -1.470 3.333 0.158  -2.055 35.425 -2.102 0.254  3.410 -3.374 
-0.260 35.483 9 AA_DG9DC10:DG11DC12_BB  A 9 ? B 12 ? A 10 ? B 11 ? 
# 
_pdbx_initial_refinement_model.accession_code   ? 
_pdbx_initial_refinement_model.id               1 
_pdbx_initial_refinement_model.entity_id_list   ? 
_pdbx_initial_refinement_model.type             'in silico model' 
_pdbx_initial_refinement_model.source_name      Other 
_pdbx_initial_refinement_model.details          'A-form DNA decamer duplex' 
# 
_atom_sites.entry_id                    1I5W 
_atom_sites.fract_transf_matrix[1][1]   -0.00589819 
_atom_sites.fract_transf_matrix[1][2]   0.00767564 
_atom_sites.fract_transf_matrix[1][3]   0.03701105 
_atom_sites.fract_transf_matrix[2][1]   -0.02155284 
_atom_sites.fract_transf_matrix[2][2]   -0.00700107 
_atom_sites.fract_transf_matrix[2][3]   -0.00198279 
_atom_sites.fract_transf_matrix[3][1]   0.00611925 
_atom_sites.fract_transf_matrix[3][2]   -0.02030707 
_atom_sites.fract_transf_matrix[3][3]   0.00518662 
_atom_sites.fract_transf_vector[1]      0.141602 
_atom_sites.fract_transf_vector[2]      0.035068 
_atom_sites.fract_transf_vector[3]      0.220744 
# 
loop_
_atom_type.symbol 
C 
N 
O 
P 
# 
loop_
_atom_site.group_PDB 
_atom_site.id 
_atom_site.type_symbol 
_atom_site.label_atom_id 
_atom_site.label_alt_id 
_atom_site.label_comp_id 
_atom_site.label_asym_id 
_atom_site.label_entity_id 
_atom_site.label_seq_id 
_atom_site.pdbx_PDB_ins_code 
_atom_site.Cartn_x 
_atom_site.Cartn_y 
_atom_site.Cartn_z 
_atom_site.occupancy 
_atom_site.B_iso_or_equiv 
_atom_site.pdbx_formal_charge 
_atom_site.auth_seq_id 
_atom_site.auth_comp_id 
_atom_site.auth_asym_id 
_atom_site.auth_atom_id 
_atom_site.pdbx_PDB_model_num 
ATOM   1   O "O5'" . DG  A 1 1  ? 11.836  -3.342  -3.884  1.00 27.27 ? 1   DG  A "O5'" 1 
ATOM   2   C "C5'" . DG  A 1 1  ? 13.068  -3.474  -3.173  1.00 26.28 ? 1   DG  A "C5'" 1 
ATOM   3   C "C4'" . DG  A 1 1  ? 13.659  -2.151  -2.744  1.00 21.23 ? 1   DG  A "C4'" 1 
ATOM   4   O "O4'" . DG  A 1 1  ? 13.982  -1.343  -3.898  1.00 19.02 ? 1   DG  A "O4'" 1 
ATOM   5   C "C3'" . DG  A 1 1  ? 12.747  -1.270  -1.904  1.00 19.90 ? 1   DG  A "C3'" 1 
ATOM   6   O "O3'" . DG  A 1 1  ? 12.785  -1.634  -0.526  1.00 20.01 ? 1   DG  A "O3'" 1 
ATOM   7   C "C2'" . DG  A 1 1  ? 13.325  0.110   -2.147  1.00 14.76 ? 1   DG  A "C2'" 1 
ATOM   8   C "C1'" . DG  A 1 1  ? 13.722  0.026   -3.614  1.00 18.56 ? 1   DG  A "C1'" 1 
ATOM   9   N N9    . DG  A 1 1  ? 12.643  0.458   -4.492  1.00 16.16 ? 1   DG  A N9    1 
ATOM   10  C C8    . DG  A 1 1  ? 11.841  -0.325  -5.279  1.00 16.30 ? 1   DG  A C8    1 
ATOM   11  N N7    . DG  A 1 1  ? 11.013  0.366   -6.019  1.00 18.67 ? 1   DG  A N7    1 
ATOM   12  C C5    . DG  A 1 1  ? 11.275  1.689   -5.676  1.00 14.33 ? 1   DG  A C5    1 
ATOM   13  C C6    . DG  A 1 1  ? 10.708  2.894   -6.151  1.00 15.10 ? 1   DG  A C6    1 
ATOM   14  O O6    . DG  A 1 1  ? 9.847   3.050   -7.030  1.00 18.01 ? 1   DG  A O6    1 
ATOM   15  N N1    . DG  A 1 1  ? 11.257  4.002   -5.514  1.00 14.41 ? 1   DG  A N1    1 
ATOM   16  C C2    . DG  A 1 1  ? 12.238  3.956   -4.562  1.00 15.54 ? 1   DG  A C2    1 
ATOM   17  N N2    . DG  A 1 1  ? 12.653  5.138   -4.069  1.00 15.22 ? 1   DG  A N2    1 
ATOM   18  N N3    . DG  A 1 1  ? 12.783  2.843   -4.123  1.00 14.83 ? 1   DG  A N3    1 
ATOM   19  C C4    . DG  A 1 1  ? 12.261  1.757   -4.719  1.00 15.03 ? 1   DG  A C4    1 
ATOM   20  P P     . DC  A 1 2  ? 11.432  -1.584  0.347   1.00 22.21 ? 2   DC  A P     1 
ATOM   21  O OP1   . DC  A 1 2  ? 11.783  -2.144  1.683   1.00 24.65 ? 2   DC  A OP1   1 
ATOM   22  O OP2   . DC  A 1 2  ? 10.328  -2.186  -0.462  1.00 22.52 ? 2   DC  A OP2   1 
ATOM   23  O "O5'" . DC  A 1 2  ? 11.085  -0.031  0.545   1.00 20.53 ? 2   DC  A "O5'" 1 
ATOM   24  C "C5'" . DC  A 1 2  ? 11.893  0.807   1.368   1.00 20.25 ? 2   DC  A "C5'" 1 
ATOM   25  C "C4'" . DC  A 1 2  ? 11.622  2.263   1.065   1.00 19.69 ? 2   DC  A "C4'" 1 
ATOM   26  O "O4'" . DC  A 1 2  ? 11.840  2.511   -0.340  1.00 19.59 ? 2   DC  A "O4'" 1 
ATOM   27  C "C3'" . DC  A 1 2  ? 10.207  2.766   1.303   1.00 21.11 ? 2   DC  A "C3'" 1 
ATOM   28  O "O3'" . DC  A 1 2  ? 9.952   3.066   2.674   1.00 22.59 ? 2   DC  A "O3'" 1 
ATOM   29  C "C2'" . DC  A 1 2  ? 10.182  4.018   0.449   1.00 17.13 ? 2   DC  A "C2'" 1 
ATOM   30  C "C1'" . DC  A 1 2  ? 10.982  3.582   -0.766  1.00 17.26 ? 2   DC  A "C1'" 1 
ATOM   31  N N1    . DC  A 1 2  ? 10.078  3.076   -1.816  1.00 14.88 ? 2   DC  A N1    1 
ATOM   32  C C2    . DC  A 1 2  ? 9.414   4.022   -2.586  1.00 15.82 ? 2   DC  A C2    1 
ATOM   33  O O2    . DC  A 1 2  ? 9.631   5.218   -2.339  1.00 16.32 ? 2   DC  A O2    1 
ATOM   34  N N3    . DC  A 1 2  ? 8.572   3.626   -3.556  1.00 15.09 ? 2   DC  A N3    1 
ATOM   35  C C4    . DC  A 1 2  ? 8.377   2.323   -3.777  1.00 14.86 ? 2   DC  A C4    1 
ATOM   36  N N4    . DC  A 1 2  ? 7.543   1.971   -4.764  1.00 17.25 ? 2   DC  A N4    1 
ATOM   37  C C5    . DC  A 1 2  ? 9.041   1.317   -2.995  1.00 15.76 ? 2   DC  A C5    1 
ATOM   38  C C6    . DC  A 1 2  ? 9.879   1.739   -2.035  1.00 15.81 ? 2   DC  A C6    1 
ATOM   39  P P     . DG  A 1 3  ? 8.430   3.111   3.197   1.00 21.69 ? 3   DG  A P     1 
ATOM   40  O OP1   . DG  A 1 3  ? 8.495   3.242   4.666   1.00 26.34 ? 3   DG  A OP1   1 
ATOM   41  O OP2   . DG  A 1 3  ? 7.669   2.012   2.590   1.00 22.28 ? 3   DG  A OP2   1 
ATOM   42  O "O5'" . DG  A 1 3  ? 7.817   4.461   2.592   1.00 19.48 ? 3   DG  A "O5'" 1 
ATOM   43  C "C5'" . DG  A 1 3  ? 8.383   5.726   2.926   1.00 21.28 ? 3   DG  A "C5'" 1 
ATOM   44  C "C4'" . DG  A 1 3  ? 7.816   6.809   2.038   1.00 16.33 ? 3   DG  A "C4'" 1 
ATOM   45  O "O4'" . DG  A 1 3  ? 8.007   6.428   0.662   1.00 17.30 ? 3   DG  A "O4'" 1 
ATOM   46  C "C3'" . DG  A 1 3  ? 6.324   7.096   2.155   1.00 15.36 ? 3   DG  A "C3'" 1 
ATOM   47  O "O3'" . DG  A 1 3  ? 6.065   7.989   3.236   1.00 15.73 ? 3   DG  A "O3'" 1 
ATOM   48  C "C2'" . DG  A 1 3  ? 6.032   7.744   0.819   1.00 13.91 ? 3   DG  A "C2'" 1 
ATOM   49  C "C1'" . DG  A 1 3  ? 6.951   6.968   -0.119  1.00 15.29 ? 3   DG  A "C1'" 1 
ATOM   50  N N9    . DG  A 1 3  ? 6.288   5.870   -0.812  1.00 13.86 ? 3   DG  A N9    1 
ATOM   51  C C8    . DG  A 1 3  ? 6.502   4.509   -0.687  1.00 13.60 ? 3   DG  A C8    1 
ATOM   52  N N7    . DG  A 1 3  ? 5.771   3.801   -1.512  1.00 14.78 ? 3   DG  A N7    1 
ATOM   53  C C5    . DG  A 1 3  ? 5.031   4.750   -2.218  1.00 12.70 ? 3   DG  A C5    1 
ATOM   54  C C6    . DG  A 1 3  ? 4.084   4.592   -3.278  1.00 12.62 ? 3   DG  A C6    1 
ATOM   55  O O6    . DG  A 1 3  ? 3.714   3.548   -3.850  1.00 14.71 ? 3   DG  A O6    1 
ATOM   56  N N1    . DG  A 1 3  ? 3.559   5.820   -3.681  1.00 12.56 ? 3   DG  A N1    1 
ATOM   57  C C2    . DG  A 1 3  ? 3.911   7.046   -3.152  1.00 11.86 ? 3   DG  A C2    1 
ATOM   58  N N2    . DG  A 1 3  ? 3.276   8.147   -3.651  1.00 13.59 ? 3   DG  A N2    1 
ATOM   59  N N3    . DG  A 1 3  ? 4.814   7.204   -2.199  1.00 12.40 ? 3   DG  A N3    1 
ATOM   60  C C4    . DG  A 1 3  ? 5.326   6.025   -1.779  1.00 11.83 ? 3   DG  A C4    1 
ATOM   61  P P     . DT  A 1 4  ? 4.563   8.157   3.808   1.00 16.43 ? 4   DT  A P     1 
ATOM   62  O OP1   . DT  A 1 4  ? 4.662   9.109   4.954   1.00 18.85 ? 4   DT  A OP1   1 
ATOM   63  O OP2   . DT  A 1 4  ? 3.933   6.845   4.000   1.00 16.57 ? 4   DT  A OP2   1 
ATOM   64  O "O5'" . DT  A 1 4  ? 3.756   8.848   2.628   1.00 15.52 ? 4   DT  A "O5'" 1 
ATOM   65  C "C5'" . DT  A 1 4  ? 3.850   10.262  2.365   1.00 15.29 ? 4   DT  A "C5'" 1 
ATOM   66  C "C4'" . DT  A 1 4  ? 2.712   10.686  1.467   1.00 13.38 ? 4   DT  A "C4'" 1 
ATOM   67  O "O4'" . DT  A 1 4  ? 2.836   10.101  0.154   1.00 14.83 ? 4   DT  A "O4'" 1 
ATOM   68  C "C3'" . DT  A 1 4  ? 1.334   10.261  1.939   1.00 15.15 ? 4   DT  A "C3'" 1 
ATOM   69  O "O3'" . DT  A 1 4  ? 0.875   11.187  2.907   1.00 15.37 ? 4   DT  A "O3'" 1 
ATOM   70  C "C2'" . DT  A 1 4  ? 0.520   10.261  0.660   1.00 14.65 ? 4   DT  A "C2'" 1 
ATOM   71  C "C1'" . DT  A 1 4  ? 1.545   9.781   -0.370  1.00 13.03 ? 4   DT  A "C1'" 1 
ATOM   72  N N1    . DT  A 1 4  ? 1.496   8.310   -0.590  1.00 12.71 ? 4   DT  A N1    1 
ATOM   73  C C2    . DT  A 1 4  ? 0.680   7.870   -1.602  1.00 12.32 ? 4   DT  A C2    1 
ATOM   74  O O2    . DT  A 1 4  ? -0.035  8.628   -2.252  1.00 13.46 ? 4   DT  A O2    1 
ATOM   75  N N3    . DT  A 1 4  ? 0.708   6.512   -1.817  1.00 12.08 ? 4   DT  A N3    1 
ATOM   76  C C4    . DT  A 1 4  ? 1.434   5.574   -1.120  1.00 13.50 ? 4   DT  A C4    1 
ATOM   77  O O4    . DT  A 1 4  ? 1.392   4.407   -1.467  1.00 12.58 ? 4   DT  A O4    1 
ATOM   78  C C5    . DT  A 1 4  ? 2.219   6.090   -0.023  1.00 13.13 ? 4   DT  A C5    1 
ATOM   79  C C7    . DT  A 1 4  ? 2.972   5.132   0.848   1.00 13.02 ? 4   DT  A C7    1 
ATOM   80  C C6    . DT  A 1 4  ? 2.225   7.421   0.174   1.00 11.48 ? 4   DT  A C6    1 
ATOM   81  P P     . DA  A 1 5  ? -0.052  10.675  4.098   1.00 15.57 ? 5   DA  A P     1 
ATOM   82  O OP1   . DA  A 1 5  ? -0.316  11.886  4.938   1.00 18.18 ? 5   DA  A OP1   1 
ATOM   83  O OP2   . DA  A 1 5  ? 0.511   9.476   4.735   1.00 16.64 ? 5   DA  A OP2   1 
ATOM   84  O "O5'" . DA  A 1 5  ? -1.371  10.266  3.341   1.00 14.84 ? 5   DA  A "O5'" 1 
ATOM   85  C "C5'" . DA  A 1 5  ? -2.068  9.047   3.624   1.00 14.46 ? 5   DA  A "C5'" 1 
ATOM   86  C "C4'" . DA  A 1 5  ? -3.073  8.815   2.525   1.00 14.11 ? 5   DA  A "C4'" 1 
ATOM   87  O "O4'" . DA  A 1 5  ? -2.394  8.465   1.299   1.00 15.64 ? 5   DA  A "O4'" 1 
ATOM   88  C "C3'" . DA  A 1 5  ? -4.043  7.676   2.760   1.00 17.04 ? 5   DA  A "C3'" 1 
ATOM   89  O "O3'" . DA  A 1 5  ? -5.127  8.138   3.549   1.00 18.57 ? 5   DA  A "O3'" 1 
ATOM   90  C "C2'" . DA  A 1 5  ? -4.477  7.334   1.351   1.00 14.40 ? 5   DA  A "C2'" 1 
ATOM   91  C "C1'" . DA  A 1 5  ? -3.190  7.548   0.562   1.00 15.96 ? 5   DA  A "C1'" 1 
ATOM   92  N N9    . DA  A 1 5  ? -2.442  6.304   0.436   1.00 14.13 ? 5   DA  A N9    1 
ATOM   93  C C8    . DA  A 1 5  ? -1.343  5.872   1.134   1.00 15.48 ? 5   DA  A C8    1 
ATOM   94  N N7    . DA  A 1 5  ? -0.916  4.686   0.763   1.00 13.65 ? 5   DA  A N7    1 
ATOM   95  C C5    . DA  A 1 5  ? -1.801  4.319   -0.246  1.00 12.40 ? 5   DA  A C5    1 
ATOM   96  C C6    . DA  A 1 5  ? -1.876  3.189   -1.072  1.00 13.12 ? 5   DA  A C6    1 
ATOM   97  N N6    . DA  A 1 5  ? -1.023  2.160   -0.991  1.00 14.40 ? 5   DA  A N6    1 
ATOM   98  N N1    . DA  A 1 5  ? -2.864  3.149   -1.995  1.00 13.55 ? 5   DA  A N1    1 
ATOM   99  C C2    . DA  A 1 5  ? -3.721  4.174   -2.068  1.00 13.59 ? 5   DA  A C2    1 
ATOM   100 N N3    . DA  A 1 5  ? -3.747  5.294   -1.346  1.00 13.68 ? 5   DA  A N3    1 
ATOM   101 C C4    . DA  A 1 5  ? -2.746  5.305   -0.452  1.00 13.20 ? 5   DA  A C4    1 
HETATM 102 P P     . TLN A 1 6  ? -5.757  7.180   4.669   1.00 17.84 ? 6   TLN A P     1 
HETATM 103 O OP1   . TLN A 1 6  ? -6.638  8.101   5.451   1.00 23.20 ? 6   TLN A OP1   1 
HETATM 104 O OP2   . TLN A 1 6  ? -4.742  6.371   5.367   1.00 20.71 ? 6   TLN A OP2   1 
HETATM 105 O "O5'" . TLN A 1 6  ? -6.654  6.181   3.853   1.00 17.63 ? 6   TLN A "O5'" 1 
HETATM 106 C "C5'" . TLN A 1 6  ? -7.746  6.665   3.090   1.00 19.11 ? 6   TLN A "C5'" 1 
HETATM 107 C "C4'" . TLN A 1 6  ? -8.177  5.610   2.135   1.00 17.52 ? 6   TLN A "C4'" 1 
HETATM 108 O "O4'" . TLN A 1 6  ? -7.149  5.381   1.135   1.00 17.54 ? 6   TLN A "O4'" 1 
HETATM 109 C "C1'" . TLN A 1 6  ? -7.311  4.069   0.627   1.00 16.11 ? 6   TLN A "C1'" 1 
HETATM 110 N N1    . TLN A 1 6  ? -6.085  3.287   0.923   1.00 15.28 ? 6   TLN A N1    1 
HETATM 111 C C6    . TLN A 1 6  ? -5.214  3.639   1.936   1.00 13.65 ? 6   TLN A C6    1 
HETATM 112 C C5    . TLN A 1 6  ? -4.090  2.962   2.222   1.00 13.01 ? 6   TLN A C5    1 
HETATM 113 C C5M   . TLN A 1 6  ? -3.165  3.350   3.331   1.00 13.53 ? 6   TLN A C5M   1 
HETATM 114 C C4    . TLN A 1 6  ? -3.775  1.802   1.408   1.00 13.20 ? 6   TLN A C4    1 
HETATM 115 O O4    . TLN A 1 6  ? -2.783  1.099   1.548   1.00 15.13 ? 6   TLN A O4    1 
HETATM 116 N N3    . TLN A 1 6  ? -4.691  1.512   0.418   1.00 15.20 ? 6   TLN A N3    1 
HETATM 117 C C2    . TLN A 1 6  ? -5.850  2.186   0.138   1.00 15.08 ? 6   TLN A C2    1 
HETATM 118 O O2    . TLN A 1 6  ? -6.615  1.822   -0.735  1.00 16.67 ? 6   TLN A O2    1 
HETATM 119 C "C3'" . TLN A 1 6  ? -8.409  4.230   2.691   1.00 19.68 ? 6   TLN A "C3'" 1 
HETATM 120 C "C2'" . TLN A 1 6  ? -8.534  3.518   1.369   1.00 20.22 ? 6   TLN A "C2'" 1 
HETATM 121 O "O2'" . TLN A 1 6  ? -9.601  4.341   0.808   1.00 22.32 ? 6   TLN A "O2'" 1 
HETATM 122 O "O3'" . TLN A 1 6  ? -9.569  4.131   3.522   1.00 20.61 ? 6   TLN A "O3'" 1 
HETATM 123 C "C6'" . TLN A 1 6  ? -9.466  5.696   1.333   1.00 19.88 ? 6   TLN A "C6'" 1 
ATOM   124 P P     . DA  A 1 7  ? -9.627  3.013   4.675   1.00 18.85 ? 7   DA  A P     1 
ATOM   125 O OP1   . DA  A 1 7  ? -10.798 3.373   5.556   1.00 20.74 ? 7   DA  A OP1   1 
ATOM   126 O OP2   . DA  A 1 7  ? -8.282  2.819   5.305   1.00 20.49 ? 7   DA  A OP2   1 
ATOM   127 O "O5'" . DA  A 1 7  ? -9.999  1.678   3.885   1.00 18.75 ? 7   DA  A "O5'" 1 
ATOM   128 C "C5'" . DA  A 1 7  ? -11.150 1.634   3.023   1.00 18.95 ? 7   DA  A "C5'" 1 
ATOM   129 C "C4'" . DA  A 1 7  ? -11.068 0.443   2.095   1.00 17.59 ? 7   DA  A "C4'" 1 
ATOM   130 O "O4'" . DA  A 1 7  ? -9.950  0.593   1.186   1.00 17.31 ? 7   DA  A "O4'" 1 
ATOM   131 C "C3'" . DA  A 1 7  ? -10.813 -0.897  2.772   1.00 18.89 ? 7   DA  A "C3'" 1 
ATOM   132 O "O3'" . DA  A 1 7  ? -11.985 -1.479  3.343   1.00 20.81 ? 7   DA  A "O3'" 1 
ATOM   133 C "C2'" . DA  A 1 7  ? -10.238 -1.716  1.638   1.00 15.16 ? 7   DA  A "C2'" 1 
ATOM   134 C "C1'" . DA  A 1 7  ? -9.371  -0.689  0.923   1.00 14.62 ? 7   DA  A "C1'" 1 
ATOM   135 N N9    . DA  A 1 7  ? -8.016  -0.699  1.483   1.00 14.57 ? 7   DA  A N9    1 
ATOM   136 C C8    . DA  A 1 7  ? -7.432  0.175   2.370   1.00 13.86 ? 7   DA  A C8    1 
ATOM   137 N N7    . DA  A 1 7  ? -6.201  -0.144  2.695   1.00 14.73 ? 7   DA  A N7    1 
ATOM   138 C C5    . DA  A 1 7  ? -5.953  -1.298  1.964   1.00 13.90 ? 7   DA  A C5    1 
ATOM   139 C C6    . DA  A 1 7  ? -4.822  -2.141  1.877   1.00 13.02 ? 7   DA  A C6    1 
ATOM   140 N N6    . DA  A 1 7  ? -3.675  -1.912  2.528   1.00 14.13 ? 7   DA  A N6    1 
ATOM   141 N N1    . DA  A 1 7  ? -4.923  -3.236  1.088   1.00 12.73 ? 7   DA  A N1    1 
ATOM   142 C C2    . DA  A 1 7  ? -6.063  -3.449  0.416   1.00 14.13 ? 7   DA  A C2    1 
ATOM   143 N N3    . DA  A 1 7  ? -7.179  -2.720  0.400   1.00 14.81 ? 7   DA  A N3    1 
ATOM   144 C C4    . DA  A 1 7  ? -7.062  -1.652  1.212   1.00 14.31 ? 7   DA  A C4    1 
ATOM   145 P P     . DC  A 1 8  ? -11.852 -2.295  4.721   1.00 22.78 ? 8   DC  A P     1 
ATOM   146 O OP1   . DC  A 1 8  ? -13.222 -2.727  5.117   1.00 27.32 ? 8   DC  A OP1   1 
ATOM   147 O OP2   . DC  A 1 8  ? -11.008 -1.573  5.705   1.00 26.74 ? 8   DC  A OP2   1 
ATOM   148 O "O5'" . DC  A 1 8  ? -11.070 -3.617  4.305   1.00 20.75 ? 8   DC  A "O5'" 1 
ATOM   149 C "C5'" . DC  A 1 8  ? -11.591 -4.475  3.287   1.00 18.32 ? 8   DC  A "C5'" 1 
ATOM   150 C "C4'" . DC  A 1 8  ? -10.557 -5.503  2.883   1.00 15.73 ? 8   DC  A "C4'" 1 
ATOM   151 O "O4'" . DC  A 1 8  ? -9.379  -4.819  2.397   1.00 15.63 ? 8   DC  A "O4'" 1 
ATOM   152 C "C3'" . DC  A 1 8  ? -10.019 -6.453  3.950   1.00 18.50 ? 8   DC  A "C3'" 1 
ATOM   153 O "O3'" . DC  A 1 8  ? -10.888 -7.579  4.130   1.00 19.64 ? 8   DC  A "O3'" 1 
ATOM   154 C "C2'" . DC  A 1 8  ? -8.711  -6.898  3.332   1.00 15.18 ? 8   DC  A "C2'" 1 
ATOM   155 C "C1'" . DC  A 1 8  ? -8.239  -5.651  2.595   1.00 16.31 ? 8   DC  A "C1'" 1 
ATOM   156 N N1    . DC  A 1 8  ? -7.257  -4.921  3.404   1.00 15.47 ? 8   DC  A N1    1 
ATOM   157 C C2    . DC  A 1 8  ? -5.962  -5.436  3.448   1.00 14.30 ? 8   DC  A C2    1 
ATOM   158 O O2    . DC  A 1 8  ? -5.717  -6.478  2.823   1.00 15.58 ? 8   DC  A O2    1 
ATOM   159 N N3    . DC  A 1 8  ? -5.021  -4.808  4.182   1.00 15.08 ? 8   DC  A N3    1 
ATOM   160 C C4    . DC  A 1 8  ? -5.327  -3.721  4.876   1.00 15.40 ? 8   DC  A C4    1 
ATOM   161 N N4    . DC  A 1 8  ? -4.350  -3.162  5.594   1.00 15.52 ? 8   DC  A N4    1 
ATOM   162 C C5    . DC  A 1 8  ? -6.652  -3.165  4.867   1.00 16.17 ? 8   DC  A C5    1 
ATOM   163 C C6    . DC  A 1 8  ? -7.578  -3.793  4.114   1.00 14.39 ? 8   DC  A C6    1 
ATOM   164 P P     . DG  A 1 9  ? -10.931 -8.339  5.548   1.00 23.19 ? 9   DG  A P     1 
ATOM   165 O OP1   . DG  A 1 9  ? -12.077 -9.299  5.497   1.00 27.82 ? 9   DG  A OP1   1 
ATOM   166 O OP2   . DG  A 1 9  ? -10.870 -7.354  6.578   1.00 18.82 ? 9   DG  A OP2   1 
ATOM   167 O "O5'" . DG  A 1 9  ? -9.571  -9.153  5.604   1.00 17.44 ? 9   DG  A "O5'" 1 
ATOM   168 C "C5'" . DG  A 1 9  ? -9.314  -10.138 4.628   1.00 18.91 ? 9   DG  A "C5'" 1 
ATOM   169 C "C4'" . DG  A 1 9  ? -7.893  -10.616 4.750   1.00 17.64 ? 9   DG  A "C4'" 1 
ATOM   170 O "O4'" . DG  A 1 9  ? -6.986  -9.520  4.497   1.00 15.99 ? 9   DG  A "O4'" 1 
ATOM   171 C "C3'" . DG  A 1 9  ? -7.489  -11.087 6.137   1.00 17.28 ? 9   DG  A "C3'" 1 
ATOM   172 O "O3'" . DG  A 1 9  ? -7.968  -12.409 6.404   1.00 17.35 ? 9   DG  A "O3'" 1 
ATOM   173 C "C2'" . DG  A 1 9  ? -5.978  -11.029 6.033   1.00 18.51 ? 9   DG  A "C2'" 1 
ATOM   174 C "C1'" . DG  A 1 9  ? -5.746  -9.826  5.120   1.00 13.37 ? 9   DG  A "C1'" 1 
ATOM   175 N N9    . DG  A 1 9  ? -5.281  -8.666  5.868   1.00 15.23 ? 9   DG  A N9    1 
ATOM   176 C C8    . DG  A 1 9  ? -5.958  -7.544  6.288   1.00 15.29 ? 9   DG  A C8    1 
ATOM   177 N N7    . DG  A 1 9  ? -5.184  -6.695  6.915   1.00 14.95 ? 9   DG  A N7    1 
ATOM   178 C C5    . DG  A 1 9  ? -3.931  -7.301  6.900   1.00 13.07 ? 9   DG  A C5    1 
ATOM   179 C C6    . DG  A 1 9  ? -2.669  -6.859  7.390   1.00 13.80 ? 9   DG  A C6    1 
ATOM   180 O O6    . DG  A 1 9  ? -2.386  -5.803  7.938   1.00 15.12 ? 9   DG  A O6    1 
ATOM   181 N N1    . DG  A 1 9  ? -1.673  -7.813  7.179   1.00 13.49 ? 9   DG  A N1    1 
ATOM   182 C C2    . DG  A 1 9  ? -1.864  -9.033  6.584   1.00 13.82 ? 9   DG  A C2    1 
ATOM   183 N N2    . DG  A 1 9  ? -0.804  -9.862  6.545   1.00 12.94 ? 9   DG  A N2    1 
ATOM   184 N N3    . DG  A 1 9  ? -3.015  -9.433  6.089   1.00 13.77 ? 9   DG  A N3    1 
ATOM   185 C C4    . DG  A 1 9  ? -3.995  -8.526  6.285   1.00 12.96 ? 9   DG  A C4    1 
ATOM   186 P P     . DC  A 1 10 ? -7.896  -12.993 7.899   1.00 17.26 ? 10  DC  A P     1 
ATOM   187 O OP1   . DC  A 1 10 ? -8.601  -14.282 7.797   1.00 21.17 ? 10  DC  A OP1   1 
ATOM   188 O OP2   . DC  A 1 10 ? -8.333  -12.011 8.892   1.00 19.65 ? 10  DC  A OP2   1 
ATOM   189 O "O5'" . DC  A 1 10 ? -6.338  -13.264 8.160   1.00 14.79 ? 10  DC  A "O5'" 1 
ATOM   190 C "C5'" . DC  A 1 10 ? -5.624  -14.252 7.405   1.00 15.66 ? 10  DC  A "C5'" 1 
ATOM   191 C "C4'" . DC  A 1 10 ? -4.194  -14.324 7.890   1.00 16.31 ? 10  DC  A "C4'" 1 
ATOM   192 O "O4'" . DC  A 1 10 ? -3.500  -13.097 7.570   1.00 14.55 ? 10  DC  A "O4'" 1 
ATOM   193 C "C3'" . DC  A 1 10 ? -4.013  -14.481 9.397   1.00 13.52 ? 10  DC  A "C3'" 1 
ATOM   194 O "O3'" . DC  A 1 10 ? -4.089  -15.862 9.803   1.00 15.67 ? 10  DC  A "O3'" 1 
ATOM   195 C "C2'" . DC  A 1 10 ? -2.620  -13.922 9.624   1.00 13.52 ? 10  DC  A "C2'" 1 
ATOM   196 C "C1'" . DC  A 1 10 ? -2.517  -12.822 8.571   1.00 12.57 ? 10  DC  A "C1'" 1 
ATOM   197 N N1    . DC  A 1 10 ? -2.780  -11.491 9.134   1.00 13.22 ? 10  DC  A N1    1 
ATOM   198 C C2    . DC  A 1 10 ? -1.700  -10.790 9.666   1.00 12.79 ? 10  DC  A C2    1 
ATOM   199 O O2    . DC  A 1 10 ? -0.573  -11.351 9.709   1.00 12.68 ? 10  DC  A O2    1 
ATOM   200 N N3    . DC  A 1 10 ? -1.906  -9.531  10.146  1.00 13.95 ? 10  DC  A N3    1 
ATOM   201 C C4    . DC  A 1 10 ? -3.136  -8.998  10.130  1.00 12.92 ? 10  DC  A C4    1 
ATOM   202 N N4    . DC  A 1 10 ? -3.293  -7.750  10.596  1.00 16.74 ? 10  DC  A N4    1 
ATOM   203 C C5    . DC  A 1 10 ? -4.257  -9.717  9.634   1.00 14.04 ? 10  DC  A C5    1 
ATOM   204 C C6    . DC  A 1 10 ? -4.038  -10.945 9.145   1.00 14.62 ? 10  DC  A C6    1 
ATOM   205 O "O5'" . DG  B 1 1  ? 5.304   -2.781  13.145  1.00 34.72 ? 11  DG  B "O5'" 1 
ATOM   206 C "C5'" . DG  B 1 1  ? 6.519   -3.426  13.536  1.00 29.24 ? 11  DG  B "C5'" 1 
ATOM   207 C "C4'" . DG  B 1 1  ? 6.530   -4.872  13.099  1.00 25.20 ? 11  DG  B "C4'" 1 
ATOM   208 O "O4'" . DG  B 1 1  ? 5.449   -5.567  13.743  1.00 25.64 ? 11  DG  B "O4'" 1 
ATOM   209 C "C3'" . DG  B 1 1  ? 6.309   -5.098  11.610  1.00 23.95 ? 11  DG  B "C3'" 1 
ATOM   210 O "O3'" . DG  B 1 1  ? 7.549   -5.107  10.920  1.00 21.94 ? 11  DG  B "O3'" 1 
ATOM   211 C "C2'" . DG  B 1 1  ? 5.685   -6.478  11.568  1.00 24.97 ? 11  DG  B "C2'" 1 
ATOM   212 C "C1'" . DG  B 1 1  ? 4.881   -6.511  12.857  1.00 24.80 ? 11  DG  B "C1'" 1 
ATOM   213 N N9    . DG  B 1 1  ? 3.482   -6.151  12.660  1.00 24.49 ? 11  DG  B N9    1 
ATOM   214 C C8    . DG  B 1 1  ? 2.831   -4.999  13.039  1.00 25.63 ? 11  DG  B C8    1 
ATOM   215 N N7    . DG  B 1 1  ? 1.550   -5.020  12.767  1.00 23.95 ? 11  DG  B N7    1 
ATOM   216 C C5    . DG  B 1 1  ? 1.354   -6.258  12.159  1.00 18.48 ? 11  DG  B C5    1 
ATOM   217 C C6    . DG  B 1 1  ? 0.168   -6.867  11.652  1.00 16.88 ? 11  DG  B C6    1 
ATOM   218 O O6    . DG  B 1 1  ? -0.986  -6.429  11.644  1.00 19.16 ? 11  DG  B O6    1 
ATOM   219 N N1    . DG  B 1 1  ? 0.432   -8.126  11.115  1.00 15.08 ? 11  DG  B N1    1 
ATOM   220 C C2    . DG  B 1 1  ? 1.668   -8.715  11.062  1.00 17.03 ? 11  DG  B C2    1 
ATOM   221 N N2    . DG  B 1 1  ? 1.743   -9.922  10.490  1.00 14.05 ? 11  DG  B N2    1 
ATOM   222 N N3    . DG  B 1 1  ? 2.773   -8.161  11.533  1.00 18.41 ? 11  DG  B N3    1 
ATOM   223 C C4    . DG  B 1 1  ? 2.541   -6.949  12.064  1.00 18.29 ? 11  DG  B C4    1 
ATOM   224 P P     . DC  B 1 2  ? 7.573   -4.843  9.354   1.00 21.73 ? 12  DC  B P     1 
ATOM   225 O OP1   . DC  B 1 2  ? 9.011   -4.828  8.958   1.00 27.93 ? 12  DC  B OP1   1 
ATOM   226 O OP2   . DC  B 1 2  ? 6.713   -3.674  9.049   1.00 26.57 ? 12  DC  B OP2   1 
ATOM   227 O "O5'" . DC  B 1 2  ? 6.897   -6.131  8.722   1.00 20.72 ? 12  DC  B "O5'" 1 
ATOM   228 C "C5'" . DC  B 1 2  ? 7.501   -7.408  8.886   1.00 18.75 ? 12  DC  B "C5'" 1 
ATOM   229 C "C4'" . DC  B 1 2  ? 6.608   -8.471  8.300   1.00 15.76 ? 12  DC  B "C4'" 1 
ATOM   230 O "O4'" . DC  B 1 2  ? 5.345   -8.497  8.996   1.00 17.54 ? 12  DC  B "O4'" 1 
ATOM   231 C "C3'" . DC  B 1 2  ? 6.227   -8.217  6.858   1.00 16.91 ? 12  DC  B "C3'" 1 
ATOM   232 O "O3'" . DC  B 1 2  ? 7.269   -8.651  5.990   1.00 18.77 ? 12  DC  B "O3'" 1 
ATOM   233 C "C2'" . DC  B 1 2  ? 4.942   -9.010  6.720   1.00 15.25 ? 12  DC  B "C2'" 1 
ATOM   234 C "C1'" . DC  B 1 2  ? 4.299   -8.832  8.080   1.00 14.15 ? 12  DC  B "C1'" 1 
ATOM   235 N N1    . DC  B 1 2  ? 3.293   -7.762  8.128   1.00 14.00 ? 12  DC  B N1    1 
ATOM   236 C C2    . DC  B 1 2  ? 1.989   -8.068  7.737   1.00 14.65 ? 12  DC  B C2    1 
ATOM   237 O O2    . DC  B 1 2  ? 1.766   -9.183  7.249   1.00 15.60 ? 12  DC  B O2    1 
ATOM   238 N N3    . DC  B 1 2  ? 1.013   -7.139  7.893   1.00 13.38 ? 12  DC  B N3    1 
ATOM   239 C C4    . DC  B 1 2  ? 1.313   -5.933  8.381   1.00 16.44 ? 12  DC  B C4    1 
ATOM   240 N N4    . DC  B 1 2  ? 0.310   -5.072  8.557   1.00 16.76 ? 12  DC  B N4    1 
ATOM   241 C C5    . DC  B 1 2  ? 2.652   -5.568  8.716   1.00 18.22 ? 12  DC  B C5    1 
ATOM   242 C C6    . DC  B 1 2  ? 3.603   -6.506  8.576   1.00 16.62 ? 12  DC  B C6    1 
ATOM   243 P P     . DG  B 1 3  ? 7.301   -8.120  4.479   1.00 19.70 ? 13  DG  B P     1 
ATOM   244 O OP1   . DG  B 1 3  ? 8.582   -8.663  3.926   1.00 23.43 ? 13  DG  B OP1   1 
ATOM   245 O OP2   . DG  B 1 3  ? 7.044   -6.650  4.452   1.00 20.47 ? 13  DG  B OP2   1 
ATOM   246 O "O5'" . DG  B 1 3  ? 6.088   -8.883  3.814   1.00 18.09 ? 13  DG  B "O5'" 1 
ATOM   247 C "C5'" . DG  B 1 3  ? 5.211   -8.261  2.854   1.00 17.30 ? 13  DG  B "C5'" 1 
ATOM   248 C "C4'" . DG  B 1 3  ? 3.954   -9.091  2.744   1.00 17.37 ? 13  DG  B "C4'" 1 
ATOM   249 O "O4'" . DG  B 1 3  ? 3.210   -8.957  3.978   1.00 16.40 ? 13  DG  B "O4'" 1 
ATOM   250 C "C3'" . DG  B 1 3  ? 2.979   -8.666  1.656   1.00 18.61 ? 13  DG  B "C3'" 1 
ATOM   251 O "O3'" . DG  B 1 3  ? 3.311   -9.299  0.415   1.00 18.36 ? 13  DG  B "O3'" 1 
ATOM   252 C "C2'" . DG  B 1 3  ? 1.649   -9.157  2.203   1.00 15.77 ? 13  DG  B "C2'" 1 
ATOM   253 C "C1'" . DG  B 1 3  ? 1.810   -8.939  3.699   1.00 15.61 ? 13  DG  B "C1'" 1 
ATOM   254 N N9    . DG  B 1 3  ? 1.278   -7.653  4.134   1.00 14.50 ? 13  DG  B N9    1 
ATOM   255 C C8    . DG  B 1 3  ? 1.959   -6.609  4.708   1.00 13.76 ? 13  DG  B C8    1 
ATOM   256 N N7    . DG  B 1 3  ? 1.194   -5.581  4.977   1.00 14.14 ? 13  DG  B N7    1 
ATOM   257 C C5    . DG  B 1 3  ? -0.076  -5.974  4.568   1.00 13.50 ? 13  DG  B C5    1 
ATOM   258 C C6    . DG  B 1 3  ? -1.329  -5.283  4.643   1.00 13.50 ? 13  DG  B C6    1 
ATOM   259 O O6    . DG  B 1 3  ? -1.563  -4.142  5.101   1.00 15.51 ? 13  DG  B O6    1 
ATOM   260 N N1    . DG  B 1 3  ? -2.369  -6.059  4.120   1.00 13.95 ? 13  DG  B N1    1 
ATOM   261 C C2    . DG  B 1 3  ? -2.222  -7.323  3.596   1.00 12.82 ? 13  DG  B C2    1 
ATOM   262 N N2    . DG  B 1 3  ? -3.350  -7.910  3.136   1.00 13.30 ? 13  DG  B N2    1 
ATOM   263 N N3    . DG  B 1 3  ? -1.058  -7.974  3.533   1.00 13.84 ? 13  DG  B N3    1 
ATOM   264 C C4    . DG  B 1 3  ? -0.043  -7.247  4.034   1.00 14.90 ? 13  DG  B C4    1 
ATOM   265 P P     . DT  B 1 4  ? 2.950   -8.572  -0.975  1.00 18.03 ? 14  DT  B P     1 
ATOM   266 O OP1   . DT  B 1 4  ? 3.582   -9.424  -2.026  1.00 22.54 ? 14  DT  B OP1   1 
ATOM   267 O OP2   . DT  B 1 4  ? 3.312   -7.146  -0.878  1.00 19.02 ? 14  DT  B OP2   1 
ATOM   268 O "O5'" . DT  B 1 4  ? 1.370   -8.689  -1.075  1.00 18.06 ? 14  DT  B "O5'" 1 
ATOM   269 C "C5'" . DT  B 1 4  ? 0.755   -9.951  -1.341  1.00 18.35 ? 14  DT  B "C5'" 1 
ATOM   270 C "C4'" . DT  B 1 4  ? -0.733  -9.771  -1.534  1.00 18.58 ? 14  DT  B "C4'" 1 
ATOM   271 O "O4'" . DT  B 1 4  ? -1.332  -9.336  -0.293  1.00 16.50 ? 14  DT  B "O4'" 1 
ATOM   272 C "C3'" . DT  B 1 4  ? -1.135  -8.689  -2.523  1.00 16.56 ? 14  DT  B "C3'" 1 
ATOM   273 O "O3'" . DT  B 1 4  ? -1.074  -9.116  -3.874  1.00 19.15 ? 14  DT  B "O3'" 1 
ATOM   274 C "C2'" . DT  B 1 4  ? -2.547  -8.358  -2.084  1.00 15.75 ? 14  DT  B "C2'" 1 
ATOM   275 C "C1'" . DT  B 1 4  ? -2.421  -8.449  -0.570  1.00 15.21 ? 14  DT  B "C1'" 1 
ATOM   276 N N1    . DT  B 1 4  ? -2.099  -7.122  0.013   1.00 13.46 ? 14  DT  B N1    1 
ATOM   277 C C2    . DT  B 1 4  ? -3.167  -6.280  0.215   1.00 14.15 ? 14  DT  B C2    1 
ATOM   278 O O2    . DT  B 1 4  ? -4.311  -6.559  -0.122  1.00 16.73 ? 14  DT  B O2    1 
ATOM   279 N N3    . DT  B 1 4  ? -2.848  -5.089  0.806   1.00 13.80 ? 14  DT  B N3    1 
ATOM   280 C C4    . DT  B 1 4  ? -1.589  -4.642  1.168   1.00 16.19 ? 14  DT  B C4    1 
ATOM   281 O O4    . DT  B 1 4  ? -1.465  -3.536  1.685   1.00 14.44 ? 14  DT  B O4    1 
ATOM   282 C C5    . DT  B 1 4  ? -0.501  -5.561  0.891   1.00 14.59 ? 14  DT  B C5    1 
ATOM   283 C C7    . DT  B 1 4  ? 0.905   -5.152  1.224   1.00 15.80 ? 14  DT  B C7    1 
ATOM   284 C C6    . DT  B 1 4  ? -0.812  -6.744  0.339   1.00 14.49 ? 14  DT  B C6    1 
ATOM   285 P P     . DA  B 1 5  ? -0.781  -8.020  -5.015  1.00 19.55 ? 15  DA  B P     1 
ATOM   286 O OP1   . DA  B 1 5  ? -0.713  -8.771  -6.298  1.00 23.62 ? 15  DA  B OP1   1 
ATOM   287 O OP2   . DA  B 1 5  ? 0.360   -7.187  -4.608  1.00 19.70 ? 15  DA  B OP2   1 
ATOM   288 O "O5'" . DA  B 1 5  ? -2.092  -7.124  -5.038  1.00 16.00 ? 15  DA  B "O5'" 1 
ATOM   289 C "C5'" . DA  B 1 5  ? -3.326  -7.698  -5.458  1.00 15.66 ? 15  DA  B "C5'" 1 
ATOM   290 C "C4'" . DA  B 1 5  ? -4.424  -6.663  -5.420  1.00 16.05 ? 15  DA  B "C4'" 1 
ATOM   291 O "O4'" . DA  B 1 5  ? -4.658  -6.266  -4.060  1.00 15.57 ? 15  DA  B "O4'" 1 
ATOM   292 C "C3'" . DA  B 1 5  ? -4.125  -5.365  -6.145  1.00 17.98 ? 15  DA  B "C3'" 1 
ATOM   293 O "O3'" . DA  B 1 5  ? -4.352  -5.494  -7.551  1.00 22.86 ? 15  DA  B "O3'" 1 
ATOM   294 C "C2'" . DA  B 1 5  ? -5.058  -4.390  -5.454  1.00 16.88 ? 15  DA  B "C2'" 1 
ATOM   295 C "C1'" . DA  B 1 5  ? -5.032  -4.887  -4.012  1.00 14.50 ? 15  DA  B "C1'" 1 
ATOM   296 N N9    . DA  B 1 5  ? -4.050  -4.182  -3.180  1.00 14.46 ? 15  DA  B N9    1 
ATOM   297 C C8    . DA  B 1 5  ? -2.776  -4.561  -2.812  1.00 15.54 ? 15  DA  B C8    1 
ATOM   298 N N7    . DA  B 1 5  ? -2.177  -3.695  -2.027  1.00 15.82 ? 15  DA  B N7    1 
ATOM   299 C C5    . DA  B 1 5  ? -3.112  -2.680  -1.872  1.00 12.11 ? 15  DA  B C5    1 
ATOM   300 C C6    . DA  B 1 5  ? -3.094  -1.482  -1.126  1.00 15.55 ? 15  DA  B C6    1 
ATOM   301 N N6    . DA  B 1 5  ? -2.071  -1.115  -0.342  1.00 14.54 ? 15  DA  B N6    1 
ATOM   302 N N1    . DA  B 1 5  ? -4.184  -0.681  -1.195  1.00 14.46 ? 15  DA  B N1    1 
ATOM   303 C C2    . DA  B 1 5  ? -5.223  -1.079  -1.940  1.00 15.73 ? 15  DA  B C2    1 
ATOM   304 N N3    . DA  B 1 5  ? -5.367  -2.201  -2.669  1.00 16.45 ? 15  DA  B N3    1 
ATOM   305 C C4    . DA  B 1 5  ? -4.261  -2.959  -2.587  1.00 13.89 ? 15  DA  B C4    1 
HETATM 306 P P     . TLN B 1 6  ? -3.462  -4.625  -8.566  1.00 22.42 ? 16  TLN B P     1 
HETATM 307 O OP1   . TLN B 1 6  ? -3.766  -5.095  -9.951  1.00 27.51 ? 16  TLN B OP1   1 
HETATM 308 O OP2   . TLN B 1 6  ? -2.051  -4.528  -8.113  1.00 24.79 ? 16  TLN B OP2   1 
HETATM 309 O "O5'" . TLN B 1 6  ? -4.063  -3.163  -8.384  1.00 19.83 ? 16  TLN B "O5'" 1 
HETATM 310 C "C5'" . TLN B 1 6  ? -5.392  -2.866  -8.759  1.00 20.75 ? 16  TLN B "C5'" 1 
HETATM 311 C "C4'" . TLN B 1 6  ? -5.731  -1.487  -8.292  1.00 17.86 ? 16  TLN B "C4'" 1 
HETATM 312 O "O4'" . TLN B 1 6  ? -5.733  -1.430  -6.841  1.00 17.93 ? 16  TLN B "O4'" 1 
HETATM 313 C "C1'" . TLN B 1 6  ? -5.525  -0.086  -6.441  1.00 17.47 ? 16  TLN B "C1'" 1 
HETATM 314 N N1    . TLN B 1 6  ? -4.296  -0.024  -5.621  1.00 15.03 ? 16  TLN B N1    1 
HETATM 315 C C6    . TLN B 1 6  ? -3.309  -0.996  -5.693  1.00 15.84 ? 16  TLN B C6    1 
HETATM 316 C C5    . TLN B 1 6  ? -2.193  -0.979  -4.936  1.00 14.40 ? 16  TLN B C5    1 
HETATM 317 C C5M   . TLN B 1 6  ? -1.107  -2.013  -5.012  1.00 15.09 ? 16  TLN B C5M   1 
HETATM 318 C C4    . TLN B 1 6  ? -2.028  0.102   -4.001  1.00 12.40 ? 16  TLN B C4    1 
HETATM 319 O O4    . TLN B 1 6  ? -1.061  0.227   -3.265  1.00 16.02 ? 16  TLN B O4    1 
HETATM 320 N N3    . TLN B 1 6  ? -3.048  1.034   -3.980  1.00 14.81 ? 16  TLN B N3    1 
HETATM 321 C C2    . TLN B 1 6  ? -4.181  1.046   -4.756  1.00 15.62 ? 16  TLN B C2    1 
HETATM 322 O O2    . TLN B 1 6  ? -5.010  1.938   -4.681  1.00 18.99 ? 16  TLN B O2    1 
HETATM 323 C "C3'" . TLN B 1 6  ? -4.776  -0.376  -8.638  1.00 18.27 ? 16  TLN B "C3'" 1 
HETATM 324 C "C2'" . TLN B 1 6  ? -5.391  0.687   -7.754  1.00 18.66 ? 16  TLN B "C2'" 1 
HETATM 325 O "O2'" . TLN B 1 6  ? -6.772  0.604   -8.252  1.00 20.20 ? 16  TLN B "O2'" 1 
HETATM 326 O "O3'" . TLN B 1 6  ? -4.790  -0.041  -10.020 1.00 20.05 ? 16  TLN B "O3'" 1 
HETATM 327 C "C6'" . TLN B 1 6  ? -7.014  -0.761  -8.722  1.00 21.18 ? 16  TLN B "C6'" 1 
ATOM   328 P P     . DA  B 1 7  ? -3.511  0.661   -10.688 1.00 20.62 ? 17  DA  B P     1 
ATOM   329 O OP1   . DA  B 1 7  ? -3.765  0.586   -12.152 1.00 23.46 ? 17  DA  B OP1   1 
ATOM   330 O OP2   . DA  B 1 7  ? -2.206  0.181   -10.136 1.00 21.31 ? 17  DA  B OP2   1 
ATOM   331 O "O5'" . DA  B 1 7  ? -3.669  2.172   -10.242 1.00 18.87 ? 17  DA  B "O5'" 1 
ATOM   332 C "C5'" . DA  B 1 7  ? -4.848  2.914   -10.606 1.00 21.78 ? 17  DA  B "C5'" 1 
ATOM   333 C "C4'" . DA  B 1 7  ? -4.877  4.236   -9.880  1.00 18.94 ? 17  DA  B "C4'" 1 
ATOM   334 O "O4'" . DA  B 1 7  ? -4.989  3.998   -8.463  1.00 17.99 ? 17  DA  B "O4'" 1 
ATOM   335 C "C3'" . DA  B 1 7  ? -3.625  5.087   -10.024 1.00 18.00 ? 17  DA  B "C3'" 1 
ATOM   336 O "O3'" . DA  B 1 7  ? -3.614  5.819   -11.256 1.00 19.90 ? 17  DA  B "O3'" 1 
ATOM   337 C "C2'" . DA  B 1 7  ? -3.697  5.962   -8.794  1.00 15.48 ? 17  DA  B "C2'" 1 
ATOM   338 C "C1'" . DA  B 1 7  ? -4.266  5.004   -7.757  1.00 16.76 ? 17  DA  B "C1'" 1 
ATOM   339 N N9    . DA  B 1 7  ? -3.197  4.340   -7.006  1.00 14.08 ? 17  DA  B N9    1 
ATOM   340 C C8    . DA  B 1 7  ? -2.645  3.101   -7.197  1.00 16.03 ? 17  DA  B C8    1 
ATOM   341 N N7    . DA  B 1 7  ? -1.707  2.796   -6.319  1.00 14.95 ? 17  DA  B N7    1 
ATOM   342 C C5    . DA  B 1 7  ? -1.623  3.925   -5.517  1.00 13.41 ? 17  DA  B C5    1 
ATOM   343 C C6    . DA  B 1 7  ? -0.802  4.264   -4.415  1.00 13.58 ? 17  DA  B C6    1 
ATOM   344 N N6    . DA  B 1 7  ? 0.142   3.466   -3.908  1.00 13.22 ? 17  DA  B N6    1 
ATOM   345 N N1    . DA  B 1 7  ? -0.983  5.480   -3.847  1.00 13.07 ? 17  DA  B N1    1 
ATOM   346 C C2    . DA  B 1 7  ? -1.927  6.293   -4.351  1.00 13.76 ? 17  DA  B C2    1 
ATOM   347 N N3    . DA  B 1 7  ? -2.752  6.090   -5.380  1.00 14.45 ? 17  DA  B N3    1 
ATOM   348 C C4    . DA  B 1 7  ? -2.544  4.880   -5.922  1.00 14.04 ? 17  DA  B C4    1 
ATOM   349 P P     . DC  B 1 8  ? -2.245  5.945   -12.081 1.00 25.02 ? 18  DC  B P     1 
ATOM   350 O OP1   . DC  B 1 8  ? -2.591  6.670   -13.338 1.00 29.54 ? 18  DC  B OP1   1 
ATOM   351 O OP2   . DC  B 1 8  ? -1.544  4.652   -12.157 1.00 26.00 ? 18  DC  B OP2   1 
ATOM   352 O "O5'" . DC  B 1 8  ? -1.358  6.936   -11.211 1.00 22.36 ? 18  DC  B "O5'" 1 
ATOM   353 C "C5'" . DC  B 1 8  ? -1.836  8.247   -10.955 1.00 22.07 ? 18  DC  B "C5'" 1 
ATOM   354 C "C4'" . DC  B 1 8  ? -1.086  8.873   -9.806  1.00 18.48 ? 18  DC  B "C4'" 1 
ATOM   355 O "O4'" . DC  B 1 8  ? -1.300  8.110   -8.605  1.00 17.06 ? 18  DC  B "O4'" 1 
ATOM   356 C "C3'" A DC  B 1 8  ? 0.407   9.023   -9.943  0.50 21.32 ? 18  DC  B "C3'" 1 
ATOM   357 C "C3'" B DC  B 1 8  ? 0.447   8.912   -9.925  0.50 21.26 ? 18  DC  B "C3'" 1 
ATOM   358 O "O3'" A DC  B 1 8  ? 0.573   10.209  -10.720 0.50 22.83 ? 18  DC  B "O3'" 1 
ATOM   359 O "O3'" B DC  B 1 8  ? 1.027   9.942   -10.751 0.50 25.92 ? 18  DC  B "O3'" 1 
ATOM   360 C "C2'" . DC  B 1 8  ? 0.848   9.136   -8.485  1.00 16.64 ? 18  DC  B "C2'" 1 
ATOM   361 C "C1'" . DC  B 1 8  ? -0.180  8.281   -7.738  1.00 17.85 ? 18  DC  B "C1'" 1 
ATOM   362 N N1    . DC  B 1 8  ? 0.385   6.957   -7.430  1.00 16.29 ? 18  DC  B N1    1 
ATOM   363 C C2    . DC  B 1 8  ? 1.142   6.849   -6.279  1.00 16.30 ? 18  DC  B C2    1 
ATOM   364 O O2    . DC  B 1 8  ? 1.215   7.841   -5.537  1.00 16.09 ? 18  DC  B O2    1 
ATOM   365 N N3    . DC  B 1 8  ? 1.767   5.676   -5.998  1.00 13.37 ? 18  DC  B N3    1 
ATOM   366 C C4    . DC  B 1 8  ? 1.625   4.628   -6.807  1.00 16.22 ? 18  DC  B C4    1 
ATOM   367 N N4    . DC  B 1 8  ? 2.289   3.497   -6.493  1.00 16.92 ? 18  DC  B N4    1 
ATOM   368 C C5    . DC  B 1 8  ? 0.808   4.691   -7.973  1.00 18.54 ? 18  DC  B C5    1 
ATOM   369 C C6    . DC  B 1 8  ? 0.216   5.872   -8.252  1.00 16.75 ? 18  DC  B C6    1 
ATOM   370 P P     A DG  B 1 9  ? 2.025   10.662  -11.162 0.50 24.06 ? 19  DG  B P     1 
ATOM   371 P P     B DG  B 1 9  ? 2.570   9.803   -11.245 0.50 20.65 ? 19  DG  B P     1 
ATOM   372 O OP1   A DG  B 1 9  ? 1.905   11.664  -12.248 0.50 30.22 ? 19  DG  B OP1   1 
ATOM   373 O OP1   B DG  B 1 9  ? 2.765   10.857  -12.273 0.50 30.78 ? 19  DG  B OP1   1 
ATOM   374 O OP2   A DG  B 1 9  ? 2.835   9.435   -11.375 0.50 24.46 ? 19  DG  B OP2   1 
ATOM   375 O OP2   B DG  B 1 9  ? 2.871   8.386   -11.585 0.50 24.44 ? 19  DG  B OP2   1 
ATOM   376 O "O5'" A DG  B 1 9  ? 2.546   11.369  -9.845  0.50 20.34 ? 19  DG  B "O5'" 1 
ATOM   377 O "O5'" B DG  B 1 9  ? 3.475   10.169  -9.982  0.50 15.67 ? 19  DG  B "O5'" 1 
ATOM   378 C "C5'" A DG  B 1 9  ? 3.910   11.381  -9.573  0.50 22.72 ? 19  DG  B "C5'" 1 
ATOM   379 C "C5'" B DG  B 1 9  ? 3.470   11.501  -9.409  0.50 17.08 ? 19  DG  B "C5'" 1 
ATOM   380 C "C4'" A DG  B 1 9  ? 4.155   11.476  -8.090  0.50 18.12 ? 19  DG  B "C4'" 1 
ATOM   381 C "C4'" B DG  B 1 9  ? 4.126   11.498  -8.045  0.50 16.94 ? 19  DG  B "C4'" 1 
ATOM   382 O "O4'" . DG  B 1 9  ? 3.639   10.340  -7.348  1.00 15.60 ? 19  DG  B "O4'" 1 
ATOM   383 C "C3'" . DG  B 1 9  ? 5.655   11.402  -7.940  1.00 19.45 ? 19  DG  B "C3'" 1 
ATOM   384 O "O3'" . DG  B 1 9  ? 6.211   12.712  -8.073  1.00 21.99 ? 19  DG  B "O3'" 1 
ATOM   385 C "C2'" . DG  B 1 9  ? 5.841   10.796  -6.565  1.00 15.03 ? 19  DG  B "C2'" 1 
ATOM   386 C "C1'" . DG  B 1 9  ? 4.637   9.865   -6.463  1.00 13.55 ? 19  DG  B "C1'" 1 
ATOM   387 N N9    . DG  B 1 9  ? 4.892   8.469   -6.795  1.00 13.57 ? 19  DG  B N9    1 
ATOM   388 C C8    . DG  B 1 9  ? 4.325   7.705   -7.792  1.00 13.76 ? 19  DG  B C8    1 
ATOM   389 N N7    . DG  B 1 9  ? 4.679   6.441   -7.729  1.00 14.64 ? 19  DG  B N7    1 
ATOM   390 C C5    . DG  B 1 9  ? 5.544   6.383   -6.641  1.00 13.27 ? 19  DG  B C5    1 
ATOM   391 C C6    . DG  B 1 9  ? 6.240   5.278   -6.052  1.00 14.20 ? 19  DG  B C6    1 
ATOM   392 O O6    . DG  B 1 9  ? 6.201   4.073   -6.360  1.00 16.23 ? 19  DG  B O6    1 
ATOM   393 N N1    . DG  B 1 9  ? 7.035   5.689   -4.991  1.00 13.02 ? 19  DG  B N1    1 
ATOM   394 C C2    . DG  B 1 9  ? 7.151   6.981   -4.536  1.00 14.99 ? 19  DG  B C2    1 
ATOM   395 N N2    . DG  B 1 9  ? 8.004   7.193   -3.537  1.00 14.53 ? 19  DG  B N2    1 
ATOM   396 N N3    . DG  B 1 9  ? 6.483   8.000   -5.043  1.00 13.70 ? 19  DG  B N3    1 
ATOM   397 C C4    . DG  B 1 9  ? 5.712   7.634   -6.083  1.00 12.33 ? 19  DG  B C4    1 
ATOM   398 P P     . DC  B 1 10 ? 7.658   12.895  -8.747  1.00 25.08 ? 20  DC  B P     1 
ATOM   399 O OP1   . DC  B 1 10 ? 7.866   14.359  -8.841  1.00 34.56 ? 20  DC  B OP1   1 
ATOM   400 O OP2   . DC  B 1 10 ? 7.736   12.066  -9.961  1.00 30.77 ? 20  DC  B OP2   1 
ATOM   401 O "O5'" . DC  B 1 10 ? 8.658   12.317  -7.654  1.00 19.57 ? 20  DC  B "O5'" 1 
ATOM   402 C "C5'" . DC  B 1 10 ? 8.849   12.987  -6.414  1.00 17.84 ? 20  DC  B "C5'" 1 
ATOM   403 C "C4'" . DC  B 1 10 ? 9.815   12.212  -5.553  1.00 17.83 ? 20  DC  B "C4'" 1 
ATOM   404 O "O4'" . DC  B 1 10 ? 9.243   10.918  -5.264  1.00 16.61 ? 20  DC  B "O4'" 1 
ATOM   405 C "C3'" . DC  B 1 10 ? 11.170  11.905  -6.184  1.00 23.25 ? 20  DC  B "C3'" 1 
ATOM   406 O "O3'" . DC  B 1 10 ? 12.101  12.968  -5.942  1.00 25.62 ? 20  DC  B "O3'" 1 
ATOM   407 C "C2'" . DC  B 1 10 ? 11.599  10.647  -5.458  1.00 19.90 ? 20  DC  B "C2'" 1 
ATOM   408 C "C1'" . DC  B 1 10 ? 10.277  9.950   -5.167  1.00 18.33 ? 20  DC  B "C1'" 1 
ATOM   409 N N1    . DC  B 1 10 ? 9.926   8.815   -6.039  1.00 16.06 ? 20  DC  B N1    1 
ATOM   410 C C2    . DC  B 1 10 ? 10.409  7.576   -5.694  1.00 13.47 ? 20  DC  B C2    1 
ATOM   411 O O2    . DC  B 1 10 ? 11.178  7.488   -4.729  1.00 15.98 ? 20  DC  B O2    1 
ATOM   412 N N3    . DC  B 1 10 ? 10.032  6.488   -6.415  1.00 14.15 ? 20  DC  B N3    1 
ATOM   413 C C4    . DC  B 1 10 ? 9.216   6.628   -7.453  1.00 13.88 ? 20  DC  B C4    1 
ATOM   414 N N4    . DC  B 1 10 ? 8.842   5.527   -8.117  1.00 15.14 ? 20  DC  B N4    1 
ATOM   415 C C5    . DC  B 1 10 ? 8.738   7.904   -7.862  1.00 13.57 ? 20  DC  B C5    1 
ATOM   416 C C6    . DC  B 1 10 ? 9.119   8.964   -7.134  1.00 15.37 ? 20  DC  B C6    1 
HETATM 417 O O     . HOH C 2 .  ? 1.157   6.935   3.631   1.00 16.80 ? 101 HOH A O     1 
HETATM 418 O O     . HOH C 2 .  ? -2.256  -12.026 5.006   1.00 17.10 ? 102 HOH A O     1 
HETATM 419 O O     . HOH C 2 .  ? -6.064  -8.593  1.198   1.00 17.31 ? 103 HOH A O     1 
HETATM 420 O O     . HOH C 2 .  ? -5.838  6.887   -2.150  1.00 23.31 ? 108 HOH A O     1 
HETATM 421 O O     . HOH C 2 .  ? 6.692   12.727  2.370   1.00 21.07 ? 111 HOH A O     1 
HETATM 422 O O     . HOH C 2 .  ? -0.276  4.943   4.692   1.00 25.39 ? 113 HOH A O     1 
HETATM 423 O O     . HOH C 2 .  ? -5.690  3.560   5.619   1.00 23.37 ? 115 HOH A O     1 
HETATM 424 O O     . HOH C 2 .  ? -3.198  -3.523  8.807   1.00 31.08 ? 116 HOH A O     1 
HETATM 425 O O     . HOH C 2 .  ? -4.928  0.869   4.897   1.00 20.04 ? 118 HOH A O     1 
HETATM 426 O O     . HOH C 2 .  ? 2.466   9.438   6.691   1.00 29.47 ? 120 HOH A O     1 
HETATM 427 O O     . HOH C 2 .  ? -6.128  -4.635  8.458   1.00 29.87 ? 122 HOH A O     1 
HETATM 428 O O     . HOH C 2 .  ? -5.315  -0.779  7.175   1.00 26.77 ? 123 HOH A O     1 
HETATM 429 O O     . HOH C 2 .  ? 12.608  0.735   4.918   1.00 36.95 ? 126 HOH A O     1 
HETATM 430 O O     . HOH C 2 .  ? -13.964 -8.627  3.536   1.00 37.20 ? 127 HOH A O     1 
HETATM 431 O O     . HOH C 2 .  ? 5.714   0.985   -1.595  1.00 29.81 ? 128 HOH A O     1 
HETATM 432 O O     . HOH C 2 .  ? -6.114  -7.059  11.229  1.00 26.86 ? 129 HOH A O     1 
HETATM 433 O O     . HOH C 2 .  ? -9.043  -3.424  7.769   1.00 42.01 ? 130 HOH A O     1 
HETATM 434 O O     . HOH C 2 .  ? -0.617  0.652   3.088   1.00 22.60 ? 132 HOH A O     1 
HETATM 435 O O     . HOH C 2 .  ? -9.522  -15.279 5.371   1.00 27.70 ? 133 HOH A O     1 
HETATM 436 O O     . HOH C 2 .  ? -0.789  8.429   6.939   1.00 33.86 ? 134 HOH A O     1 
HETATM 437 O O     . HOH C 2 .  ? -6.792  -16.897 9.657   1.00 39.59 ? 136 HOH A O     1 
HETATM 438 O O     . HOH C 2 .  ? 4.356   4.361   4.653   1.00 31.47 ? 139 HOH A O     1 
HETATM 439 O O     . HOH C 2 .  ? -4.939  -20.896 7.730   1.00 34.23 ? 140 HOH A O     1 
HETATM 440 O O     . HOH C 2 .  ? 6.533   4.102   6.052   1.00 39.71 ? 142 HOH A O     1 
HETATM 441 O O     . HOH C 2 .  ? 0.480   2.877   2.599   1.00 26.85 ? 144 HOH A O     1 
HETATM 442 O O     . HOH C 2 .  ? -12.515 5.128   4.182   1.00 28.49 ? 145 HOH A O     1 
HETATM 443 O O     . HOH C 2 .  ? -17.049 6.804   5.368   1.00 34.63 ? 146 HOH A O     1 
HETATM 444 O O     . HOH C 2 .  ? -9.030  2.348   -1.947  1.00 33.09 ? 148 HOH A O     1 
HETATM 445 O O     . HOH C 2 .  ? 11.955  -4.510  -6.014  1.00 38.44 ? 150 HOH A O     1 
HETATM 446 O O     . HOH C 2 .  ? 9.051   -1.008  -7.320  1.00 24.22 ? 151 HOH A O     1 
HETATM 447 O O     . HOH C 2 .  ? 7.946   1.394   -8.184  1.00 23.90 ? 152 HOH A O     1 
HETATM 448 O O     . HOH C 2 .  ? -11.802 2.740   -0.985  1.00 35.36 ? 153 HOH A O     1 
HETATM 449 O O     . HOH C 2 .  ? -7.705  -9.238  9.753   1.00 28.89 ? 154 HOH A O     1 
HETATM 450 O O     . HOH C 2 .  ? -2.381  0.016   5.114   1.00 31.23 ? 162 HOH A O     1 
HETATM 451 O O     A HOH C 2 .  ? 4.719   9.950   9.713   0.30 43.59 ? 166 HOH A O     1 
HETATM 452 O O     B HOH C 2 .  ? 5.085   11.576  8.626   0.70 40.32 ? 166 HOH A O     1 
HETATM 453 O O     . HOH C 2 .  ? 4.396   1.049   -5.063  1.00 26.31 ? 168 HOH A O     1 
HETATM 454 O O     . HOH C 2 .  ? -8.166  -0.127  6.331   1.00 32.35 ? 169 HOH A O     1 
HETATM 455 O O     A HOH C 2 .  ? 8.800   11.012  2.546   0.65 31.70 ? 171 HOH A O     1 
HETATM 456 O O     B HOH C 2 .  ? -3.669  -18.653 4.058   0.35 27.04 ? 171 HOH A O     1 
HETATM 457 O O     . HOH C 2 .  ? -12.825 -5.546  7.605   1.00 43.77 ? 172 HOH A O     1 
HETATM 458 O O     . HOH C 2 .  ? 7.119   -1.066  -5.500  1.00 28.53 ? 173 HOH A O     1 
HETATM 459 O O     . HOH C 2 .  ? -10.838 8.876   1.971   1.00 37.90 ? 174 HOH A O     1 
HETATM 460 O O     . HOH C 2 .  ? 9.706   -5.412  -1.288  1.00 54.55 ? 175 HOH A O     1 
HETATM 461 O O     . HOH C 2 .  ? 9.728   -3.663  -7.959  1.00 45.94 ? 176 HOH A O     1 
HETATM 462 O O     . HOH C 2 .  ? 11.568  -1.562  4.303   1.00 41.44 ? 177 HOH A O     1 
HETATM 463 O O     . HOH C 2 .  ? -2.222  6.142   6.260   1.00 29.11 ? 178 HOH A O     1 
HETATM 464 O O     A HOH C 2 .  ? -8.126  8.056   -1.119  0.50 21.79 ? 179 HOH A O     1 
HETATM 465 O O     B HOH C 2 .  ? -8.286  8.970   0.550   0.50 23.17 ? 179 HOH A O     1 
HETATM 466 O O     . HOH C 2 .  ? -14.875 1.153   2.530   1.00 45.34 ? 180 HOH A O     1 
HETATM 467 O O     . HOH C 2 .  ? -8.787  -7.054  8.545   1.00 40.66 ? 181 HOH A O     1 
HETATM 468 O O     . HOH C 2 .  ? 7.972   6.325   6.922   1.00 55.07 ? 190 HOH A O     1 
HETATM 469 O O     A HOH C 2 .  ? -9.359  -15.953 9.870   0.80 30.41 ? 193 HOH A O     1 
HETATM 470 O O     B HOH C 2 .  ? -11.229 -15.108 10.532  0.20 40.12 ? 193 HOH A O     1 
HETATM 471 O O     . HOH C 2 .  ? 1.775   4.613   7.391   1.00 55.36 ? 196 HOH A O     1 
HETATM 472 O O     . HOH C 2 .  ? -15.277 4.773   5.506   1.00 45.00 ? 197 HOH A O     1 
HETATM 473 O O     . HOH C 2 .  ? -10.302 5.605   -2.253  1.00 54.95 ? 199 HOH A O     1 
HETATM 474 O O     . HOH C 2 .  ? -12.959 5.258   1.845   1.00 51.21 ? 201 HOH A O     1 
HETATM 475 O O     A HOH C 2 .  ? -4.714  1.911   8.765   0.50 35.78 ? 205 HOH A O     1 
HETATM 476 O O     B HOH C 2 .  ? -3.578  0.525   9.148   0.50 37.00 ? 205 HOH A O     1 
HETATM 477 O O     . HOH C 2 .  ? 7.774   -0.752  3.660   1.00 45.63 ? 207 HOH A O     1 
HETATM 478 O O     . HOH C 2 .  ? 4.413   1.924   1.693   1.00 42.28 ? 208 HOH A O     1 
HETATM 479 O O     . HOH C 2 .  ? 3.032   11.553  7.437   1.00 57.97 ? 209 HOH A O     1 
HETATM 480 O O     A HOH C 2 .  ? 2.676   2.031   -0.470  0.55 21.42 ? 210 HOH A O     1 
HETATM 481 O O     B HOH C 2 .  ? 2.701   1.625   -1.910  0.45 19.03 ? 210 HOH A O     1 
HETATM 482 O O     A HOH C 2 .  ? -4.956  -19.630 10.653  0.70 19.88 ? 211 HOH A O     1 
HETATM 483 O O     B HOH C 2 .  ? -4.915  -10.185 -4.038  0.30 36.45 ? 211 HOH A O     1 
HETATM 484 O O     A HOH C 2 .  ? 6.382   11.400  5.075   0.70 25.35 ? 212 HOH A O     1 
HETATM 485 O O     B HOH C 2 .  ? 4.884   12.577  4.718   0.30 22.27 ? 212 HOH A O     1 
HETATM 486 O O     . HOH D 2 .  ? 6.925   5.402   -10.328 1.00 18.91 ? 104 HOH B O     1 
HETATM 487 O O     . HOH D 2 .  ? 1.737   -5.710  -2.685  1.00 20.54 ? 105 HOH B O     1 
HETATM 488 O O     . HOH D 2 .  ? 4.922   -5.206  4.969   1.00 22.27 ? 106 HOH B O     1 
HETATM 489 O O     . HOH D 2 .  ? 11.006  10.406  -9.632  1.00 22.99 ? 107 HOH B O     1 
HETATM 490 O O     . HOH D 2 .  ? -1.056  -2.036  6.744   1.00 29.03 ? 109 HOH B O     1 
HETATM 491 O O     . HOH D 2 .  ? 0.501   -3.227  -1.853  1.00 23.35 ? 110 HOH B O     1 
HETATM 492 O O     . HOH D 2 .  ? 1.495   -0.695  -2.547  1.00 22.56 ? 112 HOH B O     1 
HETATM 493 O O     . HOH D 2 .  ? -1.958  -10.545 2.616   1.00 24.04 ? 114 HOH B O     1 
HETATM 494 O O     . HOH D 2 .  ? 0.377   -1.762  2.621   1.00 28.87 ? 117 HOH B O     1 
HETATM 495 O O     . HOH D 2 .  ? 4.817   -5.348  0.391   1.00 26.96 ? 119 HOH B O     1 
HETATM 496 O O     . HOH D 2 .  ? 0.071   0.731   -6.773  1.00 21.10 ? 121 HOH B O     1 
HETATM 497 O O     . HOH D 2 .  ? 5.117   1.883   -7.717  1.00 29.15 ? 124 HOH B O     1 
HETATM 498 O O     . HOH D 2 .  ? 12.693  8.904   -8.033  1.00 25.20 ? 125 HOH B O     1 
HETATM 499 O O     . HOH D 2 .  ? 0.731   -4.784  -6.311  1.00 37.32 ? 131 HOH B O     1 
HETATM 500 O O     . HOH D 2 .  ? 4.431   4.188   -9.393  1.00 27.00 ? 135 HOH B O     1 
HETATM 501 O O     . HOH D 2 .  ? 1.767   0.202   -4.732  1.00 32.22 ? 137 HOH B O     1 
HETATM 502 O O     . HOH D 2 .  ? -0.269  2.201   -10.167 1.00 33.55 ? 138 HOH B O     1 
HETATM 503 O O     . HOH D 2 .  ? 4.223   -4.141  2.687   1.00 28.43 ? 141 HOH B O     1 
HETATM 504 O O     . HOH D 2 .  ? -0.981  -1.395  -8.386  1.00 26.74 ? 143 HOH B O     1 
HETATM 505 O O     . HOH D 2 .  ? 5.163   -3.279  6.895   1.00 30.54 ? 147 HOH B O     1 
HETATM 506 O O     A HOH D 2 .  ? 0.499   -12.475 1.078   0.70 20.85 ? 149 HOH B O     1 
HETATM 507 O O     B HOH D 2 .  ? -0.810  -12.294 1.215   0.30 29.50 ? 149 HOH B O     1 
HETATM 508 O O     . HOH D 2 .  ? 1.519   -2.189  9.481   1.00 38.88 ? 155 HOH B O     1 
HETATM 509 O O     . HOH D 2 .  ? 4.209   -12.284 -0.995  1.00 43.33 ? 156 HOH B O     1 
HETATM 510 O O     . HOH D 2 .  ? 9.097   -9.737  1.404   1.00 31.40 ? 157 HOH B O     1 
HETATM 511 O O     . HOH D 2 .  ? -6.875  3.662   -5.560  1.00 32.67 ? 158 HOH B O     1 
HETATM 512 O O     A HOH D 2 .  ? -5.445  7.259   -4.950  0.65 22.43 ? 159 HOH B O     1 
HETATM 513 O O     B HOH D 2 .  ? -4.528  7.916   -6.401  0.35 23.73 ? 159 HOH B O     1 
HETATM 514 O O     . HOH D 2 .  ? -2.702  2.757   -13.600 1.00 42.42 ? 160 HOH B O     1 
HETATM 515 O O     . HOH D 2 .  ? 8.621   9.965   -10.393 1.00 39.19 ? 161 HOH B O     1 
HETATM 516 O O     . HOH D 2 .  ? 2.059   -3.187  5.927   1.00 29.71 ? 163 HOH B O     1 
HETATM 517 O O     . HOH D 2 .  ? 2.540   -1.990  3.742   1.00 36.59 ? 164 HOH B O     1 
HETATM 518 O O     . HOH D 2 .  ? 5.114   -2.970  -1.111  1.00 42.91 ? 165 HOH B O     1 
HETATM 519 O O     . HOH D 2 .  ? 2.210   1.454   -8.609  1.00 31.16 ? 167 HOH B O     1 
HETATM 520 O O     . HOH D 2 .  ? -5.642  0.134   -13.550 1.00 40.69 ? 170 HOH B O     1 
HETATM 521 O O     . HOH D 2 .  ? 8.982   -4.288  4.325   1.00 45.88 ? 182 HOH B O     1 
HETATM 522 O O     A HOH D 2 .  ? -6.588  7.792   -10.765 0.30 41.99 ? 183 HOH B O     1 
HETATM 523 O O     B HOH D 2 .  ? -33.127 -18.862 12.589  0.70 44.08 ? 183 HOH B O     1 
HETATM 524 O O     A HOH D 2 .  ? -8.099  4.737   -7.602  0.60 34.53 ? 184 HOH B O     1 
HETATM 525 O O     B HOH D 2 .  ? -8.099  3.626   -8.195  0.40 25.94 ? 184 HOH B O     1 
HETATM 526 O O     . HOH D 2 .  ? 7.290   -1.070  9.961   1.00 51.15 ? 185 HOH B O     1 
HETATM 527 O O     . HOH D 2 .  ? 3.093   -8.957  -4.745  1.00 45.34 ? 186 HOH B O     1 
HETATM 528 O O     . HOH D 2 .  ? -5.594  7.853   -13.351 1.00 53.99 ? 187 HOH B O     1 
HETATM 529 O O     . HOH D 2 .  ? 2.418   5.086   -11.699 1.00 43.85 ? 188 HOH B O     1 
HETATM 530 O O     . HOH D 2 .  ? 5.797   7.695   -11.541 1.00 38.91 ? 189 HOH B O     1 
HETATM 531 O O     . HOH D 2 .  ? -8.888  1.919   -4.979  1.00 43.61 ? 191 HOH B O     1 
HETATM 532 O O     . HOH D 2 .  ? -2.596  -4.039  -12.410 1.00 51.59 ? 192 HOH B O     1 
HETATM 533 O O     . HOH D 2 .  ? -0.736  -1.947  -12.426 1.00 49.33 ? 194 HOH B O     1 
HETATM 534 O O     . HOH D 2 .  ? -6.041  3.526   -14.330 1.00 44.56 ? 195 HOH B O     1 
HETATM 535 O O     . HOH D 2 .  ? -0.027  -4.064  15.072  1.00 50.67 ? 198 HOH B O     1 
HETATM 536 O O     . HOH D 2 .  ? 4.566   -2.195  10.382  1.00 47.37 ? 200 HOH B O     1 
HETATM 537 O O     A HOH D 2 .  ? -8.860  2.192   -10.271 0.60 34.19 ? 202 HOH B O     1 
HETATM 538 O O     B HOH D 2 .  ? -8.804  0.421   -11.635 0.40 31.10 ? 202 HOH B O     1 
HETATM 539 O O     . HOH D 2 .  ? -10.653 0.574   -8.037  1.00 46.42 ? 203 HOH B O     1 
HETATM 540 O O     . HOH D 2 .  ? 1.499   -1.210  0.125   1.00 50.95 ? 204 HOH B O     1 
HETATM 541 O O     . HOH D 2 .  ? 8.595   -2.416  5.958   1.00 56.36 ? 206 HOH B O     1 
HETATM 542 O O     . HOH D 2 .  ? -0.202  -7.457  -8.731  1.00 53.45 ? 213 HOH B O     1 
HETATM 543 O O     . HOH D 2 .  ? -7.726  4.006   -12.063 1.00 49.78 ? 214 HOH B O     1 
HETATM 544 O O     . HOH D 2 .  ? -1.889  -3.949  11.595  1.00 45.34 ? 215 HOH B O     1 
# 
